data_1FBI
#
_entry.id   1FBI
#
_cell.length_a   83.700
_cell.length_b   195.500
_cell.length_c   50.200
_cell.angle_alpha   90.00
_cell.angle_beta   108.50
_cell.angle_gamma   90.00
#
_symmetry.space_group_name_H-M   'P 1 21 1'
#
loop_
_entity.id
_entity.type
_entity.pdbx_description
1 polymer 'IGG1 F9.13.7 FAB (LIGHT CHAIN)'
2 polymer 'IGG1 F9.13.7 FAB (HEAVY CHAIN)'
3 polymer 'GUINEA FOWL LYSOZYME'
#
loop_
_entity_poly.entity_id
_entity_poly.type
_entity_poly.pdbx_seq_one_letter_code
_entity_poly.pdbx_strand_id
1 'polypeptide(L)'
;DIQMTQTTSSLSASLGDRVTISCRASQDISNYLNWYQKKPDGTVKLLIYYTSRLHSGVPSRFSGSGSGTDYSLTIRNLEQ
EDIATYFCQQGYTLPYTFGGGTKLEIKRADAAPTVSIFPPSSEQLTSGGASVVCFLNNFYPKDINVKWKIDGSERQNGVL
NSWTDQDSKDSTYSMSSTLTLTKDEYERHNSYTCEATHKTSTSPIVKSFNRNEC
;
L,P
2 'polypeptide(L)'
;QVQLQQPGAELVKPGASVKLSCKASGYTFTSYWMHWVKQGPGQGLEWIGEIDPSDSYPNYNEKFKGKATLTVDKSSSTAY
MQLSSLTSEDSAVYYCASLYYYGTSYGVLDYWGQGTSVTVSSAKTTPPSVYPLAPGSAAQTNSMVTLGCLVKGYFPEPVT
VTWNSGSLSSGVHTFPAVLQSDLYTLSSSVTVPSSPRPSETVTCNVAHPASSTKVDKKIVP
;
H,Q
3 'polypeptide(L)'
;KVFGRCELAAAMKRHGLDNYRGYSLGNWVCAAKFESNFNSQATNRNTDGSTDYGVLQINSRWWCNDGRTPGSRNLCNIPC
SALQSSDITATANCAKKIVSDGNGMNAWVAWRKHCKGTDVRVWIKGCRL
;
X,Y
#
# COMPACT_ATOMS: atom_id res chain seq x y z
N ASP A 1 -43.79 -7.57 29.60
CA ASP A 1 -43.64 -8.79 28.77
C ASP A 1 -44.97 -8.98 28.06
N ILE A 2 -45.19 -10.13 27.44
CA ILE A 2 -46.47 -10.38 26.77
C ILE A 2 -47.44 -10.80 27.87
N GLN A 3 -48.55 -10.08 27.99
CA GLN A 3 -49.57 -10.35 28.99
C GLN A 3 -50.50 -11.48 28.56
N MET A 4 -50.47 -12.59 29.30
CA MET A 4 -51.36 -13.71 29.00
C MET A 4 -52.54 -13.62 30.01
N THR A 5 -53.73 -13.23 29.53
CA THR A 5 -54.89 -13.11 30.42
C THR A 5 -55.93 -14.20 30.30
N GLN A 6 -56.42 -14.67 31.43
CA GLN A 6 -57.51 -15.65 31.45
C GLN A 6 -58.52 -14.92 32.34
N THR A 7 -59.64 -14.47 31.76
CA THR A 7 -60.67 -13.71 32.49
C THR A 7 -61.45 -14.39 33.61
N THR A 8 -61.60 -15.70 33.56
CA THR A 8 -62.36 -16.42 34.57
C THR A 8 -61.46 -17.30 35.42
N SER A 9 -61.30 -16.93 36.68
CA SER A 9 -60.46 -17.65 37.62
C SER A 9 -60.93 -18.99 38.11
N SER A 10 -62.24 -19.21 38.09
CA SER A 10 -62.83 -20.48 38.51
C SER A 10 -63.99 -20.72 37.56
N LEU A 11 -64.22 -21.96 37.21
CA LEU A 11 -65.27 -22.29 36.29
C LEU A 11 -65.86 -23.59 36.79
N SER A 12 -67.17 -23.72 36.66
CA SER A 12 -67.82 -24.94 37.14
C SER A 12 -68.72 -25.54 36.10
N ALA A 13 -68.90 -26.84 36.19
CA ALA A 13 -69.77 -27.58 35.28
C ALA A 13 -69.81 -28.96 35.88
N SER A 14 -70.55 -29.86 35.26
CA SER A 14 -70.64 -31.20 35.82
C SER A 14 -69.94 -32.25 34.99
N LEU A 15 -69.50 -33.31 35.67
CA LEU A 15 -68.79 -34.43 35.07
C LEU A 15 -69.46 -35.10 33.87
N GLY A 16 -69.39 -34.46 32.71
CA GLY A 16 -69.99 -35.01 31.51
C GLY A 16 -70.36 -33.90 30.54
N ASP A 17 -70.15 -32.66 30.96
CA ASP A 17 -70.44 -31.51 30.14
C ASP A 17 -69.11 -31.04 29.51
N ARG A 18 -69.20 -30.25 28.46
CA ARG A 18 -68.01 -29.76 27.78
C ARG A 18 -67.61 -28.44 28.46
N VAL A 19 -66.32 -28.26 28.72
CA VAL A 19 -65.83 -27.04 29.33
C VAL A 19 -64.86 -26.33 28.37
N THR A 20 -64.95 -25.00 28.31
CA THR A 20 -64.08 -24.21 27.42
C THR A 20 -63.29 -23.10 28.15
N ILE A 21 -62.02 -23.35 28.40
CA ILE A 21 -61.16 -22.38 29.08
C ILE A 21 -60.51 -21.39 28.08
N SER A 22 -60.70 -20.10 28.31
CA SER A 22 -60.15 -19.07 27.46
C SER A 22 -58.74 -18.63 27.85
N CYS A 23 -58.09 -17.92 26.92
CA CYS A 23 -56.74 -17.37 27.10
C CYS A 23 -56.47 -16.39 25.96
N ARG A 24 -56.23 -15.13 26.31
CA ARG A 24 -55.98 -14.09 25.32
C ARG A 24 -54.70 -13.30 25.57
N ALA A 25 -53.79 -13.40 24.60
CA ALA A 25 -52.49 -12.71 24.68
C ALA A 25 -52.55 -11.32 24.09
N SER A 26 -51.60 -10.50 24.54
CA SER A 26 -51.47 -9.11 24.11
C SER A 26 -51.16 -8.88 22.64
N GLN A 27 -50.27 -9.70 22.05
CA GLN A 27 -49.91 -9.53 20.65
C GLN A 27 -50.01 -10.86 19.97
N ASP A 28 -50.10 -10.82 18.64
CA ASP A 28 -50.17 -12.04 17.85
C ASP A 28 -48.90 -12.84 18.18
N ILE A 29 -49.07 -14.01 18.77
CA ILE A 29 -47.97 -14.90 19.14
C ILE A 29 -48.01 -16.09 18.16
N SER A 30 -48.61 -15.85 17.01
CA SER A 30 -48.76 -16.80 15.92
C SER A 30 -48.81 -18.26 16.29
N ASN A 31 -49.94 -18.66 16.85
CA ASN A 31 -50.17 -20.04 17.26
C ASN A 31 -49.18 -20.65 18.23
N TYR A 32 -48.33 -19.86 18.85
CA TYR A 32 -47.39 -20.41 19.81
C TYR A 32 -48.03 -20.37 21.22
N LEU A 33 -49.02 -21.22 21.41
CA LEU A 33 -49.76 -21.27 22.65
C LEU A 33 -49.76 -22.67 23.18
N ASN A 34 -49.44 -22.82 24.46
CA ASN A 34 -49.42 -24.14 25.09
C ASN A 34 -50.36 -24.15 26.31
N TRP A 35 -50.93 -25.32 26.61
CA TRP A 35 -51.82 -25.46 27.74
C TRP A 35 -51.27 -26.46 28.74
N TYR A 36 -51.22 -26.08 30.01
CA TYR A 36 -50.73 -26.96 31.08
C TYR A 36 -51.81 -27.19 32.13
N GLN A 37 -51.87 -28.41 32.66
CA GLN A 37 -52.81 -28.77 33.70
C GLN A 37 -52.07 -28.95 35.02
N LYS A 38 -52.50 -28.23 36.06
CA LYS A 38 -51.88 -28.36 37.37
C LYS A 38 -52.92 -29.02 38.25
N LYS A 39 -52.68 -30.26 38.63
CA LYS A 39 -53.62 -30.99 39.47
C LYS A 39 -53.40 -30.63 40.91
N PRO A 40 -54.43 -30.81 41.76
CA PRO A 40 -54.31 -30.50 43.19
C PRO A 40 -53.13 -31.25 43.77
N ASP A 41 -52.72 -32.29 43.06
CA ASP A 41 -51.59 -33.13 43.46
C ASP A 41 -50.31 -32.30 43.54
N GLY A 42 -50.16 -31.33 42.63
CA GLY A 42 -48.97 -30.48 42.62
C GLY A 42 -48.21 -30.58 41.31
N THR A 43 -48.23 -31.78 40.75
CA THR A 43 -47.57 -32.07 39.49
C THR A 43 -48.15 -31.20 38.35
N VAL A 44 -47.35 -30.91 37.33
CA VAL A 44 -47.81 -30.15 36.16
C VAL A 44 -47.62 -31.03 34.93
N LYS A 45 -48.57 -31.00 34.00
CA LYS A 45 -48.47 -31.83 32.80
C LYS A 45 -48.86 -31.12 31.51
N LEU A 46 -48.05 -31.32 30.45
CA LEU A 46 -48.30 -30.69 29.15
C LEU A 46 -49.46 -31.40 28.45
N LEU A 47 -50.43 -30.63 27.99
CA LEU A 47 -51.58 -31.20 27.33
C LEU A 47 -51.60 -30.93 25.86
N ILE A 48 -51.25 -29.71 25.48
CA ILE A 48 -51.26 -29.29 24.09
C ILE A 48 -50.16 -28.29 23.82
N TYR A 49 -49.49 -28.45 22.67
CA TYR A 49 -48.45 -27.53 22.27
C TYR A 49 -48.82 -27.00 20.88
N TYR A 50 -48.40 -25.77 20.62
CA TYR A 50 -48.63 -25.09 19.33
C TYR A 50 -50.11 -24.95 18.99
N THR A 51 -50.88 -24.44 19.93
CA THR A 51 -52.31 -24.19 19.76
C THR A 51 -53.28 -25.38 19.79
N SER A 52 -52.97 -26.45 19.06
CA SER A 52 -53.86 -27.59 19.01
C SER A 52 -53.22 -28.97 18.95
N ARG A 53 -51.90 -29.04 18.98
CA ARG A 53 -51.31 -30.35 18.89
C ARG A 53 -51.38 -31.00 20.24
N LEU A 54 -52.08 -32.12 20.31
CA LEU A 54 -52.16 -32.84 21.58
C LEU A 54 -50.79 -33.39 21.94
N HIS A 55 -50.29 -33.07 23.12
CA HIS A 55 -49.01 -33.62 23.52
C HIS A 55 -49.22 -35.13 23.55
N SER A 56 -48.17 -35.89 23.34
CA SER A 56 -48.35 -37.33 23.33
C SER A 56 -48.77 -37.80 24.70
N GLY A 57 -49.84 -38.60 24.72
CA GLY A 57 -50.35 -39.12 25.97
C GLY A 57 -51.67 -38.55 26.40
N VAL A 58 -52.00 -37.35 25.97
CA VAL A 58 -53.26 -36.77 26.38
C VAL A 58 -54.42 -37.44 25.66
N PRO A 59 -55.55 -37.58 26.37
CA PRO A 59 -56.81 -38.17 25.92
C PRO A 59 -57.41 -37.25 24.86
N SER A 60 -57.87 -37.82 23.76
CA SER A 60 -58.42 -37.03 22.68
C SER A 60 -59.50 -36.05 23.10
N ARG A 61 -59.94 -36.20 24.35
CA ARG A 61 -60.96 -35.33 24.91
C ARG A 61 -60.53 -33.88 24.86
N PHE A 62 -59.28 -33.61 25.26
CA PHE A 62 -58.80 -32.25 25.21
C PHE A 62 -58.64 -31.79 23.76
N SER A 63 -59.07 -30.56 23.49
CA SER A 63 -59.03 -30.00 22.15
C SER A 63 -58.49 -28.56 22.25
N GLY A 64 -57.60 -28.20 21.34
CA GLY A 64 -57.01 -26.87 21.35
C GLY A 64 -57.42 -26.08 20.13
N SER A 65 -57.49 -24.76 20.24
CA SER A 65 -57.90 -23.96 19.10
C SER A 65 -57.53 -22.54 19.30
N GLY A 66 -57.81 -21.74 18.28
CA GLY A 66 -57.51 -20.33 18.31
C GLY A 66 -56.39 -20.04 17.34
N SER A 67 -55.96 -18.78 17.28
CA SER A 67 -54.90 -18.33 16.38
C SER A 67 -54.91 -16.82 16.31
N GLY A 68 -53.90 -16.19 16.88
CA GLY A 68 -53.85 -14.74 16.85
C GLY A 68 -53.62 -14.25 18.25
N THR A 69 -54.65 -13.61 18.82
CA THR A 69 -54.58 -13.13 20.20
C THR A 69 -55.51 -13.95 21.08
N ASP A 70 -56.47 -14.62 20.44
CA ASP A 70 -57.44 -15.45 21.12
C ASP A 70 -57.16 -16.91 20.96
N TYR A 71 -57.30 -17.66 22.05
CA TYR A 71 -57.09 -19.11 22.08
C TYR A 71 -58.04 -19.71 23.12
N SER A 72 -58.02 -21.03 23.25
CA SER A 72 -58.86 -21.73 24.21
C SER A 72 -58.72 -23.27 24.25
N LEU A 73 -58.79 -23.84 25.45
CA LEU A 73 -58.71 -25.28 25.69
C LEU A 73 -60.18 -25.69 25.85
N THR A 74 -60.59 -26.80 25.27
CA THR A 74 -61.99 -27.22 25.38
C THR A 74 -62.14 -28.69 25.72
N ILE A 75 -62.45 -29.01 26.99
CA ILE A 75 -62.62 -30.42 27.37
C ILE A 75 -64.01 -30.91 26.99
N ARG A 76 -64.07 -32.02 26.26
CA ARG A 76 -65.32 -32.58 25.79
C ARG A 76 -66.24 -33.18 26.86
N ASN A 77 -65.78 -34.20 27.56
CA ASN A 77 -66.62 -34.84 28.59
C ASN A 77 -65.90 -34.75 29.90
N LEU A 78 -66.12 -33.66 30.64
CA LEU A 78 -65.44 -33.43 31.91
C LEU A 78 -65.42 -34.69 32.75
N GLU A 79 -64.29 -34.98 33.37
CA GLU A 79 -64.18 -36.19 34.17
C GLU A 79 -63.49 -36.02 35.50
N GLN A 80 -63.07 -37.14 36.08
CA GLN A 80 -62.39 -37.16 37.37
C GLN A 80 -61.19 -36.23 37.46
N GLU A 81 -60.03 -36.71 37.04
CA GLU A 81 -58.78 -35.95 37.10
C GLU A 81 -58.81 -34.59 36.41
N ASP A 82 -59.81 -34.34 35.58
CA ASP A 82 -59.93 -33.07 34.89
C ASP A 82 -60.08 -31.89 35.83
N ILE A 83 -60.50 -32.15 37.06
CA ILE A 83 -60.69 -31.08 38.03
C ILE A 83 -59.34 -30.61 38.57
N ALA A 84 -58.82 -29.56 37.95
CA ALA A 84 -57.54 -28.99 38.31
C ALA A 84 -57.58 -27.57 37.83
N THR A 85 -56.42 -26.92 37.74
CA THR A 85 -56.38 -25.55 37.22
C THR A 85 -55.67 -25.62 35.87
N TYR A 86 -56.10 -24.79 34.92
CA TYR A 86 -55.53 -24.75 33.59
C TYR A 86 -54.81 -23.47 33.22
N PHE A 87 -53.54 -23.60 32.85
CA PHE A 87 -52.69 -22.47 32.43
C PHE A 87 -52.42 -22.48 30.93
N CYS A 88 -52.18 -21.32 30.35
CA CYS A 88 -51.86 -21.22 28.94
C CYS A 88 -50.56 -20.44 28.96
N GLN A 89 -49.66 -20.72 28.02
CA GLN A 89 -48.36 -20.03 27.93
C GLN A 89 -48.11 -19.74 26.50
N GLN A 90 -47.28 -18.74 26.25
CA GLN A 90 -46.93 -18.37 24.90
C GLN A 90 -45.51 -18.84 24.61
N GLY A 91 -45.23 -19.15 23.35
CA GLY A 91 -43.90 -19.57 22.97
C GLY A 91 -43.21 -18.51 22.11
N TYR A 92 -43.99 -17.58 21.59
CA TYR A 92 -43.44 -16.55 20.72
C TYR A 92 -42.20 -15.75 21.14
N THR A 93 -41.86 -15.67 22.43
CA THR A 93 -40.64 -14.93 22.78
C THR A 93 -40.31 -14.82 24.25
N LEU A 94 -39.11 -14.35 24.56
CA LEU A 94 -38.67 -14.21 25.95
C LEU A 94 -39.00 -12.83 26.54
N PRO A 95 -39.41 -12.80 27.82
CA PRO A 95 -39.56 -13.95 28.71
C PRO A 95 -40.89 -14.62 28.47
N TYR A 96 -40.93 -15.92 28.72
CA TYR A 96 -42.16 -16.70 28.58
C TYR A 96 -43.12 -16.23 29.68
N THR A 97 -44.40 -16.16 29.35
CA THR A 97 -45.40 -15.70 30.29
C THR A 97 -46.55 -16.65 30.18
N PHE A 98 -47.11 -17.05 31.34
CA PHE A 98 -48.26 -17.97 31.41
C PHE A 98 -49.46 -17.22 31.96
N GLY A 99 -50.65 -17.73 31.68
CA GLY A 99 -51.86 -17.13 32.19
C GLY A 99 -51.94 -17.34 33.68
N GLY A 100 -52.89 -16.66 34.33
CA GLY A 100 -53.08 -16.76 35.77
C GLY A 100 -53.79 -18.04 36.19
N GLY A 101 -54.40 -18.73 35.24
CA GLY A 101 -55.07 -19.96 35.56
C GLY A 101 -56.58 -19.86 35.56
N THR A 102 -57.20 -21.03 35.57
CA THR A 102 -58.64 -21.17 35.59
C THR A 102 -58.86 -22.49 36.30
N LYS A 103 -59.39 -22.38 37.54
CA LYS A 103 -59.70 -23.50 38.44
C LYS A 103 -61.10 -24.04 38.17
N LEU A 104 -61.20 -25.33 37.89
CA LEU A 104 -62.50 -25.95 37.63
C LEU A 104 -63.09 -26.42 38.96
N GLU A 105 -64.42 -26.51 39.01
CA GLU A 105 -65.12 -26.96 40.22
C GLU A 105 -66.47 -27.64 39.88
N ILE A 106 -66.81 -28.71 40.61
CA ILE A 106 -68.05 -29.44 40.37
C ILE A 106 -69.24 -28.61 40.81
N LYS A 107 -70.13 -28.32 39.86
CA LYS A 107 -71.28 -27.50 40.16
C LYS A 107 -72.32 -28.21 40.99
N ARG A 108 -72.72 -27.56 42.07
CA ARG A 108 -73.71 -28.07 43.00
C ARG A 108 -74.86 -27.08 43.07
N ALA A 109 -75.91 -27.48 43.79
CA ALA A 109 -77.08 -26.64 44.02
C ALA A 109 -76.70 -25.83 45.26
N ASP A 110 -77.27 -24.65 45.38
CA ASP A 110 -76.98 -23.72 46.46
C ASP A 110 -76.89 -24.28 47.88
N ALA A 111 -76.57 -23.41 48.83
CA ALA A 111 -76.46 -23.80 50.22
C ALA A 111 -76.33 -22.53 51.04
N ALA A 112 -76.32 -22.66 52.34
CA ALA A 112 -76.15 -21.49 53.18
C ALA A 112 -75.23 -21.88 54.30
N PRO A 113 -74.41 -20.93 54.73
CA PRO A 113 -73.48 -21.25 55.82
C PRO A 113 -74.17 -21.59 57.15
N THR A 114 -73.68 -22.61 57.84
CA THR A 114 -74.23 -22.99 59.13
C THR A 114 -73.27 -22.39 60.16
N VAL A 115 -73.35 -21.07 60.30
CA VAL A 115 -72.47 -20.31 61.21
C VAL A 115 -72.51 -20.77 62.67
N SER A 116 -71.49 -20.39 63.45
CA SER A 116 -71.45 -20.75 64.85
C SER A 116 -70.22 -20.15 65.54
N ILE A 117 -70.42 -18.99 66.15
CA ILE A 117 -69.36 -18.23 66.84
C ILE A 117 -68.92 -18.87 68.14
N PHE A 118 -67.71 -18.55 68.60
CA PHE A 118 -67.15 -19.13 69.82
C PHE A 118 -66.33 -18.12 70.63
N PRO A 119 -66.60 -18.03 71.92
CA PRO A 119 -65.85 -17.09 72.76
C PRO A 119 -64.52 -17.69 73.16
N PRO A 120 -63.52 -16.84 73.39
CA PRO A 120 -62.18 -17.24 73.79
C PRO A 120 -62.23 -18.22 74.96
N SER A 121 -61.59 -19.37 74.84
CA SER A 121 -61.57 -20.36 75.92
C SER A 121 -60.93 -19.75 77.16
N SER A 122 -61.42 -20.16 78.32
CA SER A 122 -60.90 -19.69 79.59
C SER A 122 -59.38 -19.88 79.69
N GLU A 123 -58.92 -21.00 79.14
CA GLU A 123 -57.50 -21.36 79.16
C GLU A 123 -56.69 -20.31 78.42
N GLN A 124 -57.03 -20.10 77.15
CA GLN A 124 -56.35 -19.12 76.33
C GLN A 124 -56.28 -17.76 77.05
N LEU A 125 -57.41 -17.36 77.64
CA LEU A 125 -57.52 -16.09 78.36
C LEU A 125 -56.47 -15.97 79.45
N THR A 126 -56.11 -17.11 80.04
CA THR A 126 -55.09 -17.13 81.07
C THR A 126 -53.84 -16.53 80.48
N SER A 127 -53.47 -17.00 79.30
CA SER A 127 -52.28 -16.48 78.61
C SER A 127 -52.59 -15.18 77.86
N GLY A 128 -53.59 -14.44 78.36
CA GLY A 128 -53.99 -13.18 77.76
C GLY A 128 -54.51 -13.23 76.34
N GLY A 129 -54.69 -14.44 75.82
CA GLY A 129 -55.15 -14.59 74.45
C GLY A 129 -56.61 -14.23 74.27
N ALA A 130 -56.99 -13.88 73.06
CA ALA A 130 -58.35 -13.52 72.80
C ALA A 130 -58.77 -13.82 71.37
N SER A 131 -59.16 -15.06 71.11
CA SER A 131 -59.58 -15.45 69.76
C SER A 131 -61.04 -15.84 69.70
N VAL A 132 -61.80 -15.06 68.95
CA VAL A 132 -63.21 -15.30 68.78
C VAL A 132 -63.43 -16.07 67.46
N VAL A 133 -63.39 -17.40 67.50
CA VAL A 133 -63.58 -18.22 66.30
C VAL A 133 -65.01 -18.23 65.76
N CYS A 134 -65.17 -18.41 64.45
CA CYS A 134 -66.50 -18.49 63.87
C CYS A 134 -66.36 -19.49 62.75
N PHE A 135 -67.26 -20.45 62.63
CA PHE A 135 -67.17 -21.46 61.57
C PHE A 135 -68.32 -21.44 60.56
N LEU A 136 -68.15 -20.89 59.36
CA LEU A 136 -69.25 -21.00 58.39
C LEU A 136 -68.91 -22.39 57.82
N ASN A 137 -69.90 -23.27 57.71
CA ASN A 137 -69.62 -24.62 57.23
C ASN A 137 -70.67 -25.09 56.27
N ASN A 138 -70.24 -25.86 55.28
CA ASN A 138 -71.10 -26.43 54.25
C ASN A 138 -71.90 -25.50 53.38
N PHE A 139 -71.25 -24.48 52.83
CA PHE A 139 -71.96 -23.57 51.96
C PHE A 139 -71.54 -23.81 50.52
N TYR A 140 -72.29 -23.21 49.61
CA TYR A 140 -72.07 -23.26 48.17
C TYR A 140 -73.06 -22.23 47.66
N PRO A 141 -72.62 -21.29 46.82
CA PRO A 141 -71.28 -21.08 46.27
C PRO A 141 -70.25 -20.73 47.36
N LYS A 142 -68.97 -20.78 47.00
CA LYS A 142 -67.91 -20.49 47.94
C LYS A 142 -67.78 -18.99 48.09
N ASP A 143 -68.45 -18.24 47.22
CA ASP A 143 -68.40 -16.79 47.31
C ASP A 143 -69.06 -16.33 48.63
N ILE A 144 -68.26 -16.22 49.69
CA ILE A 144 -68.77 -15.80 50.99
C ILE A 144 -67.95 -14.69 51.65
N ASN A 145 -68.60 -13.57 51.93
CA ASN A 145 -67.94 -12.42 52.54
C ASN A 145 -68.35 -12.22 54.02
N VAL A 146 -67.39 -12.35 54.95
CA VAL A 146 -67.66 -12.18 56.37
C VAL A 146 -67.35 -10.76 56.83
N LYS A 147 -67.78 -10.42 58.05
CA LYS A 147 -67.53 -9.10 58.62
C LYS A 147 -67.54 -9.15 60.16
N TRP A 148 -66.36 -9.04 60.77
CA TRP A 148 -66.22 -9.06 62.23
C TRP A 148 -66.55 -7.73 62.83
N LYS A 149 -67.26 -7.75 63.95
CA LYS A 149 -67.62 -6.50 64.61
C LYS A 149 -67.56 -6.66 66.12
N ILE A 150 -66.77 -5.82 66.77
CA ILE A 150 -66.69 -5.89 68.22
C ILE A 150 -67.38 -4.66 68.82
N ASP A 151 -68.57 -4.89 69.36
CA ASP A 151 -69.34 -3.83 70.01
C ASP A 151 -69.74 -2.72 69.05
N GLY A 152 -70.34 -3.08 67.94
CA GLY A 152 -70.79 -2.04 67.02
C GLY A 152 -70.03 -1.84 65.73
N SER A 153 -68.79 -1.36 65.81
CA SER A 153 -67.98 -1.12 64.61
C SER A 153 -67.36 -2.38 64.05
N GLU A 154 -66.97 -2.30 62.78
CA GLU A 154 -66.34 -3.42 62.11
C GLU A 154 -64.92 -3.59 62.65
N ARG A 155 -64.25 -4.62 62.17
CA ARG A 155 -62.88 -4.90 62.56
C ARG A 155 -62.25 -5.61 61.37
N GLN A 156 -60.99 -5.28 61.08
CA GLN A 156 -60.28 -5.89 59.95
C GLN A 156 -58.85 -6.26 60.33
N ASN A 157 -58.17 -5.33 60.99
CA ASN A 157 -56.78 -5.52 61.40
C ASN A 157 -56.58 -6.63 62.42
N GLY A 158 -56.83 -7.88 62.03
CA GLY A 158 -56.67 -8.97 62.97
C GLY A 158 -57.49 -10.20 62.67
N VAL A 159 -58.40 -10.13 61.70
CA VAL A 159 -59.22 -11.27 61.31
C VAL A 159 -58.34 -12.34 60.66
N LEU A 160 -58.77 -13.61 60.68
CA LEU A 160 -57.99 -14.71 60.08
C LEU A 160 -58.81 -15.89 59.52
N ASN A 161 -58.93 -15.89 58.20
CA ASN A 161 -59.70 -16.88 57.46
C ASN A 161 -58.87 -18.03 56.92
N SER A 162 -59.57 -19.01 56.36
CA SER A 162 -58.95 -20.19 55.77
C SER A 162 -60.08 -21.06 55.25
N TRP A 163 -60.14 -21.22 53.93
CA TRP A 163 -61.18 -22.05 53.31
C TRP A 163 -60.84 -23.50 53.17
N THR A 164 -61.80 -24.27 52.70
CA THR A 164 -61.63 -25.69 52.54
C THR A 164 -62.12 -26.11 51.17
N ASP A 165 -61.17 -26.38 50.29
CA ASP A 165 -61.45 -26.84 48.94
C ASP A 165 -62.61 -27.84 48.85
N GLN A 166 -63.42 -27.69 47.80
CA GLN A 166 -64.59 -28.53 47.52
C GLN A 166 -64.46 -29.99 48.00
N ASP A 167 -65.41 -30.39 48.84
CA ASP A 167 -65.49 -31.71 49.47
C ASP A 167 -65.87 -32.89 48.59
N SER A 168 -65.14 -33.98 48.77
CA SER A 168 -65.36 -35.21 48.02
C SER A 168 -66.55 -35.97 48.60
N LYS A 169 -67.75 -35.48 48.39
CA LYS A 169 -68.94 -36.16 48.91
C LYS A 169 -70.17 -35.40 48.44
N ASP A 170 -70.03 -34.09 48.37
CA ASP A 170 -71.08 -33.17 47.91
C ASP A 170 -70.43 -32.10 47.01
N SER A 171 -69.77 -31.15 47.65
CA SER A 171 -69.07 -30.07 46.97
C SER A 171 -68.77 -29.12 48.10
N THR A 172 -69.75 -28.27 48.43
CA THR A 172 -69.65 -27.28 49.50
C THR A 172 -68.29 -26.77 49.86
N TYR A 173 -68.24 -26.03 50.96
CA TYR A 173 -67.01 -25.45 51.43
C TYR A 173 -67.20 -25.20 52.92
N SER A 174 -66.24 -24.55 53.55
CA SER A 174 -66.27 -24.25 54.98
C SER A 174 -65.08 -23.32 55.22
N MET A 175 -65.12 -22.50 56.27
CA MET A 175 -64.01 -21.59 56.59
C MET A 175 -63.95 -21.17 58.06
N SER A 176 -62.75 -21.18 58.66
CA SER A 176 -62.57 -20.76 60.04
C SER A 176 -62.19 -19.29 59.96
N SER A 177 -62.94 -18.41 60.61
CA SER A 177 -62.61 -16.99 60.50
C SER A 177 -62.05 -16.23 61.70
N THR A 178 -61.27 -16.91 62.53
CA THR A 178 -60.67 -16.36 63.74
C THR A 178 -60.39 -14.87 63.81
N LEU A 179 -60.67 -14.27 64.97
CA LEU A 179 -60.42 -12.85 65.23
C LEU A 179 -59.64 -12.87 66.52
N THR A 180 -58.52 -12.19 66.55
CA THR A 180 -57.71 -12.21 67.75
C THR A 180 -57.44 -10.84 68.32
N LEU A 181 -58.05 -10.57 69.47
CA LEU A 181 -57.83 -9.29 70.15
C LEU A 181 -56.96 -9.71 71.33
N THR A 182 -56.55 -8.72 72.13
CA THR A 182 -55.77 -8.99 73.32
C THR A 182 -56.76 -9.16 74.48
N LYS A 183 -56.37 -9.90 75.52
CA LYS A 183 -57.27 -10.10 76.67
C LYS A 183 -57.90 -8.76 77.02
N ASP A 184 -57.02 -7.78 77.25
CA ASP A 184 -57.42 -6.42 77.62
C ASP A 184 -58.46 -5.77 76.70
N GLU A 185 -58.42 -6.12 75.42
CA GLU A 185 -59.36 -5.54 74.48
C GLU A 185 -60.67 -6.29 74.50
N TYR A 186 -60.58 -7.61 74.70
CA TYR A 186 -61.76 -8.43 74.75
C TYR A 186 -62.55 -7.82 75.89
N GLU A 187 -61.91 -7.71 77.05
CA GLU A 187 -62.55 -7.13 78.22
C GLU A 187 -62.47 -5.64 78.09
N ARG A 188 -63.35 -5.07 77.28
CA ARG A 188 -63.36 -3.64 77.07
C ARG A 188 -64.51 -3.31 76.17
N HIS A 189 -65.16 -4.36 75.67
CA HIS A 189 -66.32 -4.24 74.79
C HIS A 189 -67.18 -5.48 74.95
N ASN A 190 -68.30 -5.48 74.22
CA ASN A 190 -69.23 -6.59 74.27
C ASN A 190 -69.97 -6.74 72.96
N SER A 191 -70.84 -7.73 72.89
CA SER A 191 -71.62 -7.99 71.68
C SER A 191 -70.74 -8.14 70.44
N TYR A 192 -70.22 -9.35 70.32
CA TYR A 192 -69.36 -9.73 69.24
C TYR A 192 -70.22 -10.46 68.23
N THR A 193 -70.20 -9.97 67.00
CA THR A 193 -70.99 -10.55 65.93
C THR A 193 -70.12 -11.14 64.83
N CYS A 194 -70.65 -12.16 64.15
CA CYS A 194 -69.99 -12.85 63.04
C CYS A 194 -70.98 -12.65 61.88
N GLU A 195 -70.85 -11.49 61.23
CA GLU A 195 -71.71 -11.11 60.11
C GLU A 195 -71.24 -11.81 58.85
N ALA A 196 -72.16 -12.46 58.13
CA ALA A 196 -71.85 -13.19 56.90
C ALA A 196 -72.83 -13.07 55.74
N THR A 197 -72.35 -12.44 54.67
CA THR A 197 -73.14 -12.23 53.44
C THR A 197 -72.94 -13.45 52.54
N HIS A 198 -74.02 -13.91 51.90
CA HIS A 198 -73.90 -15.07 51.04
C HIS A 198 -75.12 -15.32 50.17
N LYS A 199 -75.08 -14.81 48.94
CA LYS A 199 -76.10 -14.95 47.89
C LYS A 199 -77.43 -15.61 48.25
N THR A 200 -77.35 -16.87 48.67
CA THR A 200 -78.53 -17.63 49.05
C THR A 200 -79.50 -16.95 50.03
N SER A 201 -78.99 -16.02 50.82
CA SER A 201 -79.82 -15.31 51.80
C SER A 201 -79.76 -13.83 51.47
N THR A 202 -80.91 -13.19 51.29
CA THR A 202 -80.96 -11.75 50.98
C THR A 202 -80.65 -10.94 52.26
N SER A 203 -81.04 -11.51 53.40
CA SER A 203 -80.81 -10.88 54.71
C SER A 203 -79.51 -11.43 55.31
N PRO A 204 -78.50 -10.57 55.51
CA PRO A 204 -77.18 -10.94 56.07
C PRO A 204 -77.19 -11.81 57.35
N ILE A 205 -76.60 -13.00 57.25
CA ILE A 205 -76.53 -13.94 58.36
C ILE A 205 -75.69 -13.46 59.55
N VAL A 206 -76.36 -13.32 60.68
CA VAL A 206 -75.72 -12.85 61.91
C VAL A 206 -75.68 -13.92 63.00
N LYS A 207 -74.69 -13.84 63.86
CA LYS A 207 -74.50 -14.79 64.96
C LYS A 207 -73.62 -14.04 65.96
N SER A 208 -74.02 -14.00 67.22
CA SER A 208 -73.25 -13.23 68.21
C SER A 208 -73.25 -13.82 69.60
N PHE A 209 -72.41 -13.27 70.46
CA PHE A 209 -72.31 -13.69 71.86
C PHE A 209 -71.80 -12.51 72.71
N ASN A 210 -72.51 -12.20 73.79
CA ASN A 210 -72.12 -11.11 74.70
C ASN A 210 -71.38 -11.83 75.80
N ARG A 211 -70.41 -11.18 76.41
CA ARG A 211 -69.64 -11.78 77.49
C ARG A 211 -70.56 -12.29 78.61
N ASN A 212 -71.64 -11.55 78.86
CA ASN A 212 -72.60 -11.91 79.88
C ASN A 212 -73.55 -12.99 79.35
N GLU A 213 -73.06 -14.22 79.21
CA GLU A 213 -73.89 -15.32 78.72
C GLU A 213 -74.15 -16.32 79.84
N CYS A 214 -73.09 -16.59 80.60
CA CYS A 214 -73.13 -17.52 81.71
C CYS A 214 -72.14 -16.94 82.73
N GLN B 1 -35.96 -42.17 32.62
CA GLN B 1 -36.63 -41.86 31.32
C GLN B 1 -37.20 -40.46 31.45
N VAL B 2 -36.26 -39.51 31.59
CA VAL B 2 -36.55 -38.09 31.79
C VAL B 2 -37.17 -38.03 33.20
N GLN B 3 -36.34 -37.69 34.16
CA GLN B 3 -36.80 -37.61 35.53
C GLN B 3 -36.06 -36.55 36.31
N LEU B 4 -36.79 -35.51 36.65
CA LEU B 4 -36.25 -34.41 37.43
C LEU B 4 -36.76 -34.66 38.85
N GLN B 5 -35.91 -35.20 39.71
CA GLN B 5 -36.31 -35.38 41.09
C GLN B 5 -36.19 -33.99 41.69
N GLN B 6 -36.93 -33.70 42.75
CA GLN B 6 -36.85 -32.39 43.38
C GLN B 6 -37.45 -32.43 44.79
N PRO B 7 -36.67 -32.02 45.80
CA PRO B 7 -37.08 -31.99 47.21
C PRO B 7 -38.39 -31.22 47.46
N GLY B 8 -39.39 -31.93 47.99
CA GLY B 8 -40.70 -31.36 48.27
C GLY B 8 -40.79 -30.13 49.18
N ALA B 9 -40.12 -30.13 50.32
CA ALA B 9 -40.25 -28.97 51.18
C ALA B 9 -38.88 -28.40 51.45
N GLU B 10 -38.86 -27.17 51.95
CA GLU B 10 -37.62 -26.48 52.24
C GLU B 10 -37.89 -25.25 53.14
N LEU B 11 -37.61 -25.37 54.43
CA LEU B 11 -37.83 -24.24 55.35
C LEU B 11 -36.63 -23.31 55.28
N VAL B 12 -36.88 -22.00 55.22
CA VAL B 12 -35.78 -21.04 55.16
C VAL B 12 -36.04 -19.83 56.05
N LYS B 13 -35.00 -19.37 56.74
CA LYS B 13 -35.11 -18.21 57.59
C LYS B 13 -35.08 -17.03 56.64
N PRO B 14 -35.65 -15.89 57.05
CA PRO B 14 -35.60 -14.77 56.10
C PRO B 14 -34.14 -14.29 56.07
N GLY B 15 -33.83 -13.40 55.12
CA GLY B 15 -32.48 -12.86 55.00
C GLY B 15 -31.40 -13.86 54.59
N ALA B 16 -31.72 -15.16 54.60
CA ALA B 16 -30.76 -16.20 54.21
C ALA B 16 -31.03 -16.55 52.77
N SER B 17 -30.32 -17.55 52.26
CA SER B 17 -30.46 -18.00 50.88
C SER B 17 -30.63 -19.51 50.85
N VAL B 18 -31.39 -20.01 49.90
CA VAL B 18 -31.53 -21.44 49.81
C VAL B 18 -31.04 -21.82 48.42
N LYS B 19 -30.55 -23.04 48.27
CA LYS B 19 -30.06 -23.50 46.98
C LYS B 19 -30.91 -24.69 46.56
N LEU B 20 -32.00 -24.42 45.88
CA LEU B 20 -32.86 -25.51 45.45
C LEU B 20 -32.10 -26.43 44.47
N SER B 21 -32.46 -27.71 44.41
CA SER B 21 -31.76 -28.65 43.54
C SER B 21 -32.66 -29.59 42.75
N CYS B 22 -32.41 -29.67 41.44
CA CYS B 22 -33.18 -30.49 40.53
C CYS B 22 -32.26 -31.52 39.83
N LYS B 23 -32.41 -32.82 40.13
CA LYS B 23 -31.57 -33.89 39.56
C LYS B 23 -32.21 -34.69 38.41
N ALA B 24 -31.56 -34.66 37.26
CA ALA B 24 -32.03 -35.31 36.03
C ALA B 24 -31.58 -36.75 35.77
N SER B 25 -32.29 -37.46 34.90
CA SER B 25 -31.96 -38.83 34.53
C SER B 25 -32.83 -39.37 33.43
N GLY B 26 -32.22 -40.09 32.49
CA GLY B 26 -33.00 -40.67 31.39
C GLY B 26 -32.63 -40.06 30.06
N TYR B 27 -31.70 -39.11 30.08
CA TYR B 27 -31.23 -38.42 28.89
C TYR B 27 -29.84 -37.80 29.17
N THR B 28 -29.18 -37.35 28.10
CA THR B 28 -27.85 -36.73 28.21
C THR B 28 -27.96 -35.33 28.77
N PHE B 29 -27.64 -35.22 30.07
CA PHE B 29 -27.76 -33.95 30.75
C PHE B 29 -27.36 -32.67 30.01
N THR B 30 -26.09 -32.53 29.68
CA THR B 30 -25.60 -31.30 29.04
C THR B 30 -26.14 -30.91 27.68
N SER B 31 -26.77 -31.85 27.00
CA SER B 31 -27.27 -31.55 25.69
C SER B 31 -28.66 -30.96 25.68
N TYR B 32 -29.17 -30.57 26.84
CA TYR B 32 -30.52 -30.01 26.95
C TYR B 32 -30.65 -28.84 27.94
N TRP B 33 -31.49 -27.85 27.60
CA TRP B 33 -31.68 -26.68 28.44
C TRP B 33 -32.57 -26.89 29.66
N MET B 34 -32.19 -26.33 30.79
CA MET B 34 -32.98 -26.45 32.00
C MET B 34 -33.83 -25.19 32.24
N HIS B 35 -35.11 -25.38 32.57
CA HIS B 35 -36.01 -24.25 32.83
C HIS B 35 -36.56 -24.25 34.26
N TRP B 36 -36.91 -23.07 34.77
CA TRP B 36 -37.47 -22.92 36.13
C TRP B 36 -38.63 -21.94 36.20
N VAL B 37 -39.77 -22.38 36.70
CA VAL B 37 -40.93 -21.48 36.83
C VAL B 37 -41.31 -21.39 38.29
N LYS B 38 -41.73 -20.21 38.72
CA LYS B 38 -42.17 -19.96 40.09
C LYS B 38 -43.68 -19.86 40.12
N GLN B 39 -44.31 -20.24 41.22
CA GLN B 39 -45.75 -20.07 41.32
C GLN B 39 -46.02 -19.29 42.58
N GLY B 40 -46.37 -18.03 42.39
CA GLY B 40 -46.65 -17.15 43.51
C GLY B 40 -47.94 -17.58 44.18
N PRO B 41 -48.11 -17.26 45.47
CA PRO B 41 -49.34 -17.66 46.16
C PRO B 41 -50.58 -17.05 45.50
N GLY B 42 -51.51 -17.92 45.14
CA GLY B 42 -52.74 -17.47 44.51
C GLY B 42 -52.52 -16.58 43.29
N GLN B 43 -51.56 -16.99 42.46
CA GLN B 43 -51.21 -16.27 41.27
C GLN B 43 -50.84 -17.26 40.16
N GLY B 44 -50.44 -16.73 39.01
CA GLY B 44 -50.07 -17.59 37.90
C GLY B 44 -48.62 -18.04 38.02
N LEU B 45 -48.11 -18.70 36.98
CA LEU B 45 -46.75 -19.18 36.97
C LEU B 45 -45.86 -18.07 36.38
N GLU B 46 -44.63 -17.97 36.87
CA GLU B 46 -43.70 -16.96 36.38
C GLU B 46 -42.45 -17.64 35.86
N TRP B 47 -42.09 -17.35 34.63
CA TRP B 47 -40.90 -17.95 34.06
C TRP B 47 -39.74 -17.19 34.71
N ILE B 48 -38.84 -17.89 35.37
CA ILE B 48 -37.73 -17.19 36.03
C ILE B 48 -36.33 -17.29 35.37
N GLY B 49 -36.05 -18.41 34.70
CA GLY B 49 -34.75 -18.59 34.07
C GLY B 49 -34.55 -19.78 33.14
N GLU B 50 -33.33 -19.83 32.61
CA GLU B 50 -32.89 -20.87 31.66
C GLU B 50 -31.38 -21.02 31.85
N ILE B 51 -30.88 -22.22 31.59
CA ILE B 51 -29.46 -22.46 31.74
C ILE B 51 -29.09 -23.62 30.89
N ASP B 52 -27.93 -23.53 30.27
CA ASP B 52 -27.44 -24.61 29.47
C ASP B 52 -26.37 -25.28 30.31
N PRO B 53 -26.54 -26.58 30.58
CA PRO B 53 -25.57 -27.30 31.39
C PRO B 53 -24.16 -27.34 30.74
N SER B 54 -24.05 -27.73 29.46
CA SER B 54 -22.75 -27.80 28.75
C SER B 54 -21.79 -26.61 28.92
N ASP B 55 -22.20 -25.38 28.60
CA ASP B 55 -21.32 -24.24 28.81
C ASP B 55 -21.79 -23.38 30.02
N SER B 56 -22.71 -23.93 30.83
CA SER B 56 -23.27 -23.22 32.00
C SER B 56 -23.70 -21.80 31.61
N TYR B 57 -24.66 -21.72 30.70
CA TYR B 57 -25.10 -20.45 30.18
C TYR B 57 -26.55 -20.09 30.56
N PRO B 58 -26.71 -19.19 31.55
CA PRO B 58 -28.00 -18.71 32.07
C PRO B 58 -28.70 -17.71 31.15
N ASN B 59 -30.02 -17.74 31.16
CA ASN B 59 -30.79 -16.84 30.34
C ASN B 59 -31.87 -16.38 31.28
N TYR B 60 -31.69 -15.18 31.83
CA TYR B 60 -32.60 -14.65 32.81
C TYR B 60 -33.84 -13.89 32.41
N ASN B 61 -34.74 -13.74 33.39
CA ASN B 61 -35.97 -12.97 33.29
C ASN B 61 -35.58 -11.68 34.00
N GLU B 62 -35.56 -10.60 33.23
CA GLU B 62 -35.17 -9.28 33.70
C GLU B 62 -35.56 -9.04 35.15
N LYS B 63 -36.82 -9.34 35.47
CA LYS B 63 -37.37 -9.20 36.82
C LYS B 63 -36.52 -9.85 37.90
N PHE B 64 -36.29 -11.16 37.77
CA PHE B 64 -35.50 -11.93 38.73
C PHE B 64 -33.97 -11.74 38.65
N LYS B 65 -33.49 -10.98 37.67
CA LYS B 65 -32.05 -10.75 37.53
C LYS B 65 -31.47 -10.17 38.81
N GLY B 66 -31.09 -11.04 39.74
CA GLY B 66 -30.52 -10.58 40.99
C GLY B 66 -31.06 -11.36 42.18
N LYS B 67 -32.23 -11.98 42.01
CA LYS B 67 -32.83 -12.80 43.04
C LYS B 67 -32.26 -14.18 42.76
N ALA B 68 -32.65 -14.76 41.63
CA ALA B 68 -32.20 -16.10 41.25
C ALA B 68 -30.85 -16.15 40.50
N THR B 69 -30.11 -17.21 40.76
CA THR B 69 -28.82 -17.44 40.14
C THR B 69 -28.70 -18.90 39.72
N LEU B 70 -28.95 -19.14 38.44
CA LEU B 70 -28.87 -20.47 37.86
C LEU B 70 -27.44 -21.00 37.98
N THR B 71 -27.30 -22.32 38.11
CA THR B 71 -26.01 -23.01 38.23
C THR B 71 -26.29 -24.46 37.90
N VAL B 72 -25.25 -25.25 37.61
CA VAL B 72 -25.44 -26.66 37.30
C VAL B 72 -24.17 -27.44 37.70
N ASP B 73 -24.31 -28.75 37.85
CA ASP B 73 -23.18 -29.61 38.16
C ASP B 73 -23.31 -30.86 37.30
N LYS B 74 -22.38 -31.02 36.36
CA LYS B 74 -22.41 -32.13 35.41
C LYS B 74 -22.10 -33.48 36.02
N SER B 75 -21.08 -33.52 36.87
CA SER B 75 -20.68 -34.78 37.51
C SER B 75 -21.84 -35.42 38.27
N SER B 76 -22.85 -34.61 38.60
CA SER B 76 -24.03 -35.06 39.35
C SER B 76 -25.33 -35.03 38.59
N SER B 77 -25.33 -34.41 37.41
CA SER B 77 -26.56 -34.29 36.62
C SER B 77 -27.60 -33.55 37.48
N THR B 78 -27.26 -32.32 37.87
CA THR B 78 -28.12 -31.51 38.71
C THR B 78 -28.06 -29.98 38.52
N ALA B 79 -29.23 -29.40 38.28
CA ALA B 79 -29.38 -27.98 38.11
C ALA B 79 -29.68 -27.43 39.51
N TYR B 80 -29.24 -26.19 39.77
CA TYR B 80 -29.45 -25.54 41.07
C TYR B 80 -29.91 -24.08 40.95
N MET B 81 -30.95 -23.74 41.68
CA MET B 81 -31.45 -22.39 41.71
C MET B 81 -31.15 -21.89 43.12
N GLN B 82 -30.49 -20.75 43.21
CA GLN B 82 -30.15 -20.15 44.48
C GLN B 82 -30.87 -18.83 44.64
N LEU B 83 -31.82 -18.79 45.57
CA LEU B 83 -32.57 -17.57 45.86
C LEU B 83 -31.76 -16.74 46.85
N SER B 84 -31.27 -15.60 46.38
CA SER B 84 -30.47 -14.72 47.19
C SER B 84 -31.38 -13.88 48.07
N SER B 85 -30.88 -13.52 49.25
CA SER B 85 -31.61 -12.70 50.24
C SER B 85 -33.13 -12.92 50.27
N LEU B 86 -33.51 -14.14 50.61
CA LEU B 86 -34.90 -14.55 50.67
C LEU B 86 -35.80 -13.69 51.56
N THR B 87 -36.99 -13.38 51.03
CA THR B 87 -37.96 -12.58 51.76
C THR B 87 -39.38 -13.13 51.68
N SER B 88 -40.21 -12.67 52.62
CA SER B 88 -41.61 -13.02 52.74
C SER B 88 -42.23 -13.35 51.39
N GLU B 89 -42.34 -12.32 50.55
CA GLU B 89 -42.94 -12.45 49.23
C GLU B 89 -42.40 -13.65 48.44
N ASP B 90 -41.11 -13.90 48.54
CA ASP B 90 -40.52 -15.00 47.80
C ASP B 90 -40.63 -16.32 48.46
N SER B 91 -41.85 -16.70 48.79
CA SER B 91 -42.15 -17.98 49.39
C SER B 91 -43.21 -18.58 48.51
N ALA B 92 -42.95 -19.76 47.97
CA ALA B 92 -43.85 -20.42 47.03
C ALA B 92 -43.34 -21.79 46.56
N VAL B 93 -43.95 -22.32 45.51
CA VAL B 93 -43.50 -23.57 44.97
C VAL B 93 -42.71 -23.25 43.71
N TYR B 94 -41.48 -23.76 43.67
CA TYR B 94 -40.57 -23.53 42.57
C TYR B 94 -40.33 -24.79 41.76
N TYR B 95 -40.63 -24.71 40.46
CA TYR B 95 -40.45 -25.86 39.56
C TYR B 95 -39.23 -25.76 38.62
N CYS B 96 -38.61 -26.91 38.35
CA CYS B 96 -37.50 -27.01 37.40
C CYS B 96 -38.20 -27.76 36.27
N ALA B 97 -37.85 -27.52 35.01
CA ALA B 97 -38.49 -28.26 33.90
C ALA B 97 -37.52 -28.35 32.72
N SER B 98 -37.92 -29.01 31.64
CA SER B 98 -37.01 -29.09 30.50
C SER B 98 -37.61 -28.79 29.14
N LEU B 99 -36.71 -28.59 28.18
CA LEU B 99 -37.06 -28.36 26.79
C LEU B 99 -36.37 -29.59 26.25
N TYR B 100 -37.15 -30.60 25.94
CA TYR B 100 -36.53 -31.83 25.50
C TYR B 100 -36.92 -32.28 24.11
N TYR B 101 -38.09 -32.87 24.03
CA TYR B 101 -38.56 -33.41 22.77
C TYR B 101 -38.96 -32.38 21.73
N TYR B 102 -39.38 -31.19 22.14
CA TYR B 102 -39.81 -30.25 21.10
C TYR B 102 -38.80 -29.23 20.55
N GLY B 103 -39.06 -28.73 19.35
CA GLY B 103 -38.12 -27.78 18.79
C GLY B 103 -38.08 -26.48 19.54
N THR B 104 -36.91 -26.03 19.95
CA THR B 104 -36.75 -24.77 20.66
C THR B 104 -37.69 -23.65 20.24
N SER B 105 -38.07 -23.57 18.97
CA SER B 105 -38.97 -22.49 18.58
C SER B 105 -40.38 -22.58 19.20
N TYR B 106 -40.78 -23.76 19.68
CA TYR B 106 -42.09 -23.95 20.29
C TYR B 106 -42.15 -23.55 21.77
N GLY B 107 -40.98 -23.34 22.38
CA GLY B 107 -40.92 -22.95 23.77
C GLY B 107 -41.72 -23.88 24.67
N VAL B 108 -42.02 -25.08 24.19
CA VAL B 108 -42.78 -26.04 24.96
C VAL B 108 -42.03 -26.83 26.02
N LEU B 109 -42.20 -26.40 27.27
CA LEU B 109 -41.63 -27.11 28.41
C LEU B 109 -42.52 -28.36 28.54
N ASP B 110 -41.90 -29.51 28.69
CA ASP B 110 -42.59 -30.78 28.82
C ASP B 110 -41.74 -31.53 29.83
N TYR B 111 -42.27 -32.58 30.45
CA TYR B 111 -41.50 -33.27 31.47
C TYR B 111 -41.01 -32.29 32.58
N TRP B 112 -41.93 -31.94 33.50
CA TRP B 112 -41.64 -31.05 34.64
C TRP B 112 -41.25 -31.82 35.91
N GLY B 113 -40.94 -31.09 36.96
CA GLY B 113 -40.61 -31.70 38.24
C GLY B 113 -41.82 -31.65 39.19
N GLN B 114 -41.63 -32.10 40.42
CA GLN B 114 -42.75 -32.11 41.35
C GLN B 114 -42.85 -30.79 42.10
N GLY B 115 -41.78 -30.34 42.73
CA GLY B 115 -41.84 -29.05 43.42
C GLY B 115 -41.08 -28.94 44.72
N THR B 116 -40.78 -27.71 45.10
CA THR B 116 -40.10 -27.45 46.34
C THR B 116 -40.89 -26.28 46.91
N SER B 117 -41.50 -26.46 48.07
CA SER B 117 -42.26 -25.38 48.66
C SER B 117 -41.36 -24.69 49.66
N VAL B 118 -40.79 -23.56 49.28
CA VAL B 118 -39.93 -22.84 50.19
C VAL B 118 -40.84 -21.99 51.07
N THR B 119 -40.56 -21.97 52.37
CA THR B 119 -41.33 -21.19 53.33
C THR B 119 -40.34 -20.34 54.07
N VAL B 120 -40.48 -19.01 53.97
CA VAL B 120 -39.57 -18.11 54.68
C VAL B 120 -40.17 -17.75 56.04
N SER B 121 -39.48 -18.17 57.10
CA SER B 121 -39.93 -17.94 58.46
C SER B 121 -38.75 -18.06 59.43
N SER B 122 -38.72 -17.17 60.41
CA SER B 122 -37.67 -17.15 61.42
C SER B 122 -38.07 -17.88 62.71
N ALA B 123 -39.34 -18.26 62.79
CA ALA B 123 -39.84 -18.95 63.97
C ALA B 123 -39.13 -20.26 64.23
N LYS B 124 -38.54 -20.41 65.41
CA LYS B 124 -37.84 -21.65 65.79
C LYS B 124 -38.88 -22.76 65.96
N THR B 125 -38.44 -24.00 66.22
CA THR B 125 -39.38 -25.10 66.38
C THR B 125 -40.22 -24.76 67.58
N THR B 126 -41.54 -24.83 67.42
CA THR B 126 -42.45 -24.49 68.49
C THR B 126 -43.67 -25.40 68.52
N PRO B 127 -44.04 -25.87 69.73
CA PRO B 127 -45.17 -26.75 70.03
C PRO B 127 -46.44 -25.89 70.08
N PRO B 128 -47.54 -26.44 69.59
CA PRO B 128 -48.79 -25.70 69.57
C PRO B 128 -49.39 -25.52 70.93
N SER B 129 -50.54 -24.85 70.93
CA SER B 129 -51.34 -24.57 72.11
C SER B 129 -52.76 -24.96 71.66
N VAL B 130 -53.28 -26.03 72.24
CA VAL B 130 -54.62 -26.51 71.88
C VAL B 130 -55.71 -25.92 72.81
N TYR B 131 -56.81 -25.45 72.22
CA TYR B 131 -57.91 -24.85 72.97
C TYR B 131 -59.24 -25.44 72.54
N PRO B 132 -60.11 -25.80 73.51
CA PRO B 132 -61.44 -26.38 73.27
C PRO B 132 -62.51 -25.34 72.98
N LEU B 133 -63.36 -25.63 72.00
CA LEU B 133 -64.44 -24.71 71.59
C LEU B 133 -65.79 -25.32 71.89
N ALA B 134 -66.35 -24.92 73.03
CA ALA B 134 -67.65 -25.42 73.49
C ALA B 134 -68.71 -24.40 73.24
N PRO B 135 -69.83 -24.84 72.67
CA PRO B 135 -70.95 -23.97 72.36
C PRO B 135 -71.47 -23.34 73.65
N GLY B 136 -72.25 -22.27 73.53
CA GLY B 136 -72.78 -21.59 74.70
C GLY B 136 -74.07 -22.12 75.29
N SER B 137 -74.46 -21.51 76.40
CA SER B 137 -75.69 -21.86 77.13
C SER B 137 -76.86 -21.65 76.20
N ALA B 138 -76.89 -20.43 75.68
CA ALA B 138 -77.94 -19.98 74.78
C ALA B 138 -78.14 -20.89 73.59
N ALA B 139 -79.03 -20.45 72.70
CA ALA B 139 -79.40 -21.17 71.50
C ALA B 139 -80.36 -22.28 71.88
N GLN B 140 -81.66 -22.02 71.70
CA GLN B 140 -82.71 -23.01 71.97
C GLN B 140 -82.28 -24.28 71.24
N THR B 141 -81.43 -25.05 71.90
CA THR B 141 -80.87 -26.22 71.30
C THR B 141 -81.60 -26.90 70.14
N ASN B 142 -80.91 -26.77 69.01
CA ASN B 142 -81.27 -27.35 67.73
C ASN B 142 -80.77 -28.82 67.72
N SER B 143 -81.25 -29.61 66.77
CA SER B 143 -80.86 -31.00 66.69
C SER B 143 -79.36 -31.30 66.83
N MET B 144 -78.51 -30.36 66.42
CA MET B 144 -77.06 -30.53 66.44
C MET B 144 -76.22 -29.52 67.24
N VAL B 145 -75.16 -30.02 67.84
CA VAL B 145 -74.24 -29.20 68.59
C VAL B 145 -72.97 -29.26 67.74
N THR B 146 -72.23 -28.16 67.68
CA THR B 146 -70.99 -28.14 66.93
C THR B 146 -69.86 -27.69 67.83
N LEU B 147 -68.97 -28.62 68.15
CA LEU B 147 -67.84 -28.27 69.01
C LEU B 147 -66.69 -27.94 68.07
N GLY B 148 -65.53 -27.59 68.62
CA GLY B 148 -64.37 -27.28 67.79
C GLY B 148 -63.09 -27.13 68.60
N CYS B 149 -61.95 -26.95 67.94
CA CYS B 149 -60.68 -26.76 68.64
C CYS B 149 -59.86 -25.68 67.98
N LEU B 150 -58.92 -25.09 68.70
CA LEU B 150 -58.10 -24.06 68.12
C LEU B 150 -56.62 -24.28 68.40
N VAL B 151 -56.09 -25.38 67.85
CA VAL B 151 -54.65 -25.74 67.94
C VAL B 151 -53.88 -24.59 67.25
N LYS B 152 -53.40 -23.64 68.04
CA LYS B 152 -52.76 -22.43 67.53
C LYS B 152 -51.32 -22.14 67.94
N GLY B 153 -50.62 -21.37 67.10
CA GLY B 153 -49.25 -20.94 67.36
C GLY B 153 -48.08 -21.89 67.12
N TYR B 154 -48.31 -22.93 66.32
CA TYR B 154 -47.26 -23.91 66.07
C TYR B 154 -46.37 -23.63 64.87
N PHE B 155 -45.23 -24.30 64.82
CA PHE B 155 -44.29 -24.12 63.72
C PHE B 155 -43.09 -25.05 63.80
N PRO B 156 -42.78 -25.78 62.71
CA PRO B 156 -43.51 -25.76 61.43
C PRO B 156 -44.45 -26.97 61.34
N GLU B 157 -45.17 -27.07 60.22
CA GLU B 157 -46.09 -28.18 59.98
C GLU B 157 -45.39 -29.53 59.95
N PRO B 158 -46.15 -30.64 59.95
CA PRO B 158 -47.61 -30.70 60.01
C PRO B 158 -48.09 -30.93 61.45
N VAL B 159 -49.41 -31.01 61.61
CA VAL B 159 -50.08 -31.22 62.89
C VAL B 159 -51.32 -32.05 62.55
N THR B 160 -51.50 -33.15 63.26
CA THR B 160 -52.62 -34.02 62.98
C THR B 160 -53.69 -33.81 64.02
N VAL B 161 -54.91 -33.58 63.55
CA VAL B 161 -56.05 -33.36 64.42
C VAL B 161 -57.02 -34.48 64.17
N THR B 162 -57.40 -35.19 65.23
CA THR B 162 -58.37 -36.28 65.12
C THR B 162 -59.33 -36.27 66.30
N TRP B 163 -60.58 -36.60 66.03
CA TRP B 163 -61.60 -36.63 67.07
C TRP B 163 -61.95 -38.02 67.57
N ASN B 164 -61.83 -38.21 68.87
CA ASN B 164 -62.13 -39.48 69.53
C ASN B 164 -61.28 -40.59 68.95
N SER B 165 -59.98 -40.34 68.82
CA SER B 165 -59.04 -41.29 68.24
C SER B 165 -59.64 -41.98 67.00
N GLY B 166 -60.19 -41.15 66.12
CA GLY B 166 -60.79 -41.67 64.90
C GLY B 166 -62.24 -42.07 65.06
N SER B 167 -62.59 -42.66 66.20
CA SER B 167 -63.95 -43.14 66.48
C SER B 167 -65.05 -42.19 66.03
N LEU B 168 -64.91 -40.93 66.38
CA LEU B 168 -65.90 -39.93 66.03
C LEU B 168 -65.66 -39.33 64.65
N SER B 169 -64.45 -38.81 64.47
CA SER B 169 -64.01 -38.15 63.24
C SER B 169 -64.68 -38.65 61.96
N SER B 170 -65.88 -38.14 61.70
CA SER B 170 -66.62 -38.52 60.52
C SER B 170 -67.74 -37.52 60.28
N GLY B 171 -67.42 -36.27 60.57
CA GLY B 171 -68.33 -35.15 60.39
C GLY B 171 -67.51 -33.92 60.75
N VAL B 172 -66.21 -34.12 60.64
CA VAL B 172 -65.21 -33.11 60.95
C VAL B 172 -64.98 -32.28 59.71
N HIS B 173 -64.35 -31.13 59.92
CA HIS B 173 -63.98 -30.23 58.87
C HIS B 173 -62.72 -29.61 59.41
N THR B 174 -61.58 -29.97 58.83
CA THR B 174 -60.33 -29.39 59.30
C THR B 174 -59.83 -28.32 58.33
N PHE B 175 -59.75 -27.12 58.84
CA PHE B 175 -59.35 -26.00 58.04
C PHE B 175 -57.85 -25.88 57.91
N PRO B 176 -57.40 -25.30 56.80
CA PRO B 176 -56.04 -25.04 56.38
C PRO B 176 -55.18 -24.19 57.29
N ALA B 177 -54.05 -24.76 57.66
CA ALA B 177 -53.07 -24.13 58.55
C ALA B 177 -52.44 -22.83 58.00
N VAL B 178 -53.17 -21.73 58.10
CA VAL B 178 -52.66 -20.45 57.65
C VAL B 178 -51.53 -19.99 58.57
N LEU B 179 -50.58 -19.27 58.01
CA LEU B 179 -49.46 -18.80 58.78
C LEU B 179 -49.50 -17.28 58.97
N GLN B 180 -49.05 -16.82 60.13
CA GLN B 180 -49.03 -15.41 60.44
C GLN B 180 -47.91 -15.19 61.46
N SER B 181 -47.16 -14.12 61.26
CA SER B 181 -46.03 -13.78 62.11
C SER B 181 -45.15 -14.97 62.53
N ASP B 182 -44.76 -15.74 61.52
CA ASP B 182 -43.89 -16.90 61.64
C ASP B 182 -44.52 -18.16 62.18
N LEU B 183 -45.80 -18.10 62.56
CA LEU B 183 -46.48 -19.26 63.12
C LEU B 183 -47.75 -19.67 62.37
N TYR B 184 -48.20 -20.90 62.59
CA TYR B 184 -49.41 -21.40 61.94
C TYR B 184 -50.53 -21.51 62.98
N THR B 185 -51.74 -21.72 62.46
CA THR B 185 -52.93 -21.88 63.29
C THR B 185 -53.88 -22.77 62.51
N LEU B 186 -54.43 -23.77 63.18
CA LEU B 186 -55.35 -24.69 62.53
C LEU B 186 -56.67 -24.64 63.33
N SER B 187 -57.60 -25.52 62.98
CA SER B 187 -58.89 -25.62 63.64
C SER B 187 -59.72 -26.74 63.02
N SER B 188 -60.65 -27.31 63.80
CA SER B 188 -61.55 -28.37 63.33
C SER B 188 -62.91 -28.22 64.02
N SER B 189 -63.97 -28.50 63.30
CA SER B 189 -65.28 -28.36 63.86
C SER B 189 -66.11 -29.59 63.63
N VAL B 190 -66.47 -30.28 64.71
CA VAL B 190 -67.28 -31.48 64.63
C VAL B 190 -68.74 -31.13 64.86
N THR B 191 -69.61 -31.83 64.14
CA THR B 191 -71.03 -31.63 64.28
C THR B 191 -71.55 -33.01 64.64
N VAL B 192 -72.29 -33.07 65.73
CA VAL B 192 -72.83 -34.30 66.24
C VAL B 192 -74.19 -33.98 66.85
N PRO B 193 -75.11 -34.98 66.91
CA PRO B 193 -76.44 -34.77 67.49
C PRO B 193 -76.33 -34.31 68.90
N SER B 194 -77.34 -33.56 69.37
CA SER B 194 -77.36 -33.03 70.73
C SER B 194 -77.40 -34.15 71.78
N SER B 195 -78.21 -35.18 71.50
CA SER B 195 -78.35 -36.35 72.36
C SER B 195 -77.03 -36.89 72.89
N PRO B 196 -75.97 -36.95 72.04
CA PRO B 196 -74.62 -37.42 72.38
C PRO B 196 -73.80 -36.58 73.35
N ARG B 197 -74.14 -35.30 73.53
CA ARG B 197 -73.34 -34.51 74.48
C ARG B 197 -74.13 -33.43 75.22
N PRO B 198 -73.59 -32.96 76.36
CA PRO B 198 -72.33 -33.35 77.02
C PRO B 198 -72.15 -34.80 77.43
N SER B 199 -73.23 -35.58 77.32
CA SER B 199 -73.25 -37.00 77.73
C SER B 199 -72.05 -37.84 77.30
N GLU B 200 -72.06 -38.30 76.05
CA GLU B 200 -71.00 -39.17 75.51
C GLU B 200 -69.61 -38.57 75.28
N THR B 201 -69.50 -37.26 75.19
CA THR B 201 -68.21 -36.61 74.98
C THR B 201 -67.42 -36.90 73.67
N VAL B 202 -66.82 -35.82 73.15
CA VAL B 202 -66.01 -35.80 71.95
C VAL B 202 -64.68 -35.23 72.46
N THR B 203 -63.57 -35.44 71.74
CA THR B 203 -62.29 -34.93 72.23
C THR B 203 -61.20 -34.78 71.17
N CYS B 204 -60.71 -33.57 70.91
CA CYS B 204 -59.67 -33.46 69.89
C CYS B 204 -58.31 -33.92 70.36
N ASN B 205 -57.64 -34.66 69.48
CA ASN B 205 -56.32 -35.22 69.72
C ASN B 205 -55.41 -34.55 68.72
N VAL B 206 -54.49 -33.71 69.20
CA VAL B 206 -53.54 -32.99 68.35
C VAL B 206 -52.16 -33.65 68.36
N ALA B 207 -51.59 -33.83 67.17
CA ALA B 207 -50.26 -34.45 66.98
C ALA B 207 -49.26 -33.50 66.31
N HIS B 208 -48.17 -33.15 67.00
CA HIS B 208 -47.20 -32.24 66.40
C HIS B 208 -45.82 -32.88 66.26
N PRO B 209 -45.65 -33.78 65.27
CA PRO B 209 -44.37 -34.47 65.04
C PRO B 209 -43.30 -33.44 64.78
N ALA B 210 -42.45 -33.27 65.77
CA ALA B 210 -41.34 -32.31 65.75
C ALA B 210 -41.10 -32.12 67.23
N SER B 211 -42.10 -31.56 67.90
CA SER B 211 -42.06 -31.32 69.35
C SER B 211 -42.46 -32.67 69.97
N SER B 212 -43.24 -33.42 69.20
CA SER B 212 -43.77 -34.72 69.59
C SER B 212 -44.74 -34.58 70.75
N THR B 213 -45.37 -33.41 70.84
CA THR B 213 -46.34 -33.10 71.90
C THR B 213 -47.70 -33.59 71.49
N LYS B 214 -48.04 -34.80 71.93
CA LYS B 214 -49.34 -35.36 71.62
C LYS B 214 -50.29 -34.74 72.64
N VAL B 215 -51.26 -33.95 72.18
CA VAL B 215 -52.20 -33.30 73.09
C VAL B 215 -53.64 -33.77 72.82
N ASP B 216 -54.48 -33.63 73.83
CA ASP B 216 -55.90 -33.97 73.76
C ASP B 216 -56.68 -33.16 74.78
N LYS B 217 -57.64 -32.38 74.29
CA LYS B 217 -58.44 -31.51 75.14
C LYS B 217 -59.88 -32.02 75.24
N LYS B 218 -60.48 -31.79 76.41
CA LYS B 218 -61.84 -32.20 76.70
C LYS B 218 -62.84 -31.17 76.18
N ILE B 219 -63.87 -31.62 75.49
CA ILE B 219 -64.89 -30.68 75.02
C ILE B 219 -66.08 -30.80 75.98
N VAL B 220 -66.06 -29.91 76.97
CA VAL B 220 -67.07 -29.87 78.00
C VAL B 220 -67.57 -28.43 78.12
N PRO B 221 -68.88 -28.24 78.27
CA PRO B 221 -69.46 -26.91 78.38
C PRO B 221 -69.16 -26.26 79.71
N LYS C 1 -12.76 -10.04 12.58
CA LYS C 1 -11.76 -11.09 12.99
C LYS C 1 -11.94 -12.36 12.18
N VAL C 2 -10.86 -13.13 12.09
CA VAL C 2 -10.85 -14.40 11.37
C VAL C 2 -10.16 -15.43 12.27
N PHE C 3 -10.80 -16.59 12.41
CA PHE C 3 -10.23 -17.61 13.27
C PHE C 3 -9.51 -18.62 12.44
N GLY C 4 -8.50 -19.22 13.03
CA GLY C 4 -7.78 -20.28 12.37
C GLY C 4 -8.49 -21.59 12.67
N ARG C 5 -8.68 -22.43 11.67
CA ARG C 5 -9.34 -23.73 11.81
C ARG C 5 -9.21 -24.26 13.20
N CYS C 6 -7.99 -24.33 13.71
CA CYS C 6 -7.83 -24.82 15.06
C CYS C 6 -8.26 -23.80 16.08
N GLU C 7 -7.84 -22.55 15.90
CA GLU C 7 -8.22 -21.48 16.83
C GLU C 7 -9.72 -21.61 17.13
N LEU C 8 -10.52 -21.57 16.07
CA LEU C 8 -11.96 -21.72 16.20
C LEU C 8 -12.24 -23.07 16.85
N ALA C 9 -11.84 -24.17 16.23
CA ALA C 9 -12.08 -25.50 16.80
C ALA C 9 -11.84 -25.60 18.31
N ALA C 10 -10.85 -24.84 18.80
CA ALA C 10 -10.50 -24.82 20.21
C ALA C 10 -11.63 -24.19 21.01
N ALA C 11 -11.96 -22.95 20.65
CA ALA C 11 -13.02 -22.17 21.29
C ALA C 11 -14.32 -22.92 21.27
N MET C 12 -14.69 -23.44 20.12
CA MET C 12 -15.94 -24.18 19.99
C MET C 12 -16.02 -25.31 21.01
N LYS C 13 -14.88 -25.96 21.24
CA LYS C 13 -14.81 -27.07 22.18
C LYS C 13 -14.88 -26.62 23.63
N ARG C 14 -14.21 -25.49 23.90
CA ARG C 14 -14.11 -24.87 25.22
C ARG C 14 -15.46 -24.32 25.72
N HIS C 15 -16.45 -24.32 24.83
CA HIS C 15 -17.78 -23.83 25.14
C HIS C 15 -18.77 -24.92 24.79
N GLY C 16 -18.45 -26.10 25.32
CA GLY C 16 -19.27 -27.29 25.12
C GLY C 16 -20.01 -27.50 23.81
N LEU C 17 -19.32 -27.49 22.68
CA LEU C 17 -20.03 -27.71 21.42
C LEU C 17 -19.82 -29.13 20.90
N ASP C 18 -18.86 -29.83 21.51
CA ASP C 18 -18.54 -31.19 21.07
C ASP C 18 -19.66 -32.16 21.36
N ASN C 19 -20.11 -32.85 20.33
CA ASN C 19 -21.16 -33.84 20.49
C ASN C 19 -22.53 -33.32 20.96
N TYR C 20 -22.62 -32.02 21.26
CA TYR C 20 -23.87 -31.41 21.68
C TYR C 20 -24.97 -31.86 20.71
N ARG C 21 -26.05 -32.42 21.24
CA ARG C 21 -27.14 -32.89 20.40
C ARG C 21 -26.65 -33.96 19.44
N GLY C 22 -25.49 -34.50 19.77
CA GLY C 22 -24.85 -35.54 18.97
C GLY C 22 -23.95 -35.07 17.83
N TYR C 23 -23.61 -33.79 17.82
CA TYR C 23 -22.76 -33.26 16.77
C TYR C 23 -21.34 -33.02 17.24
N SER C 24 -20.43 -33.76 16.64
CA SER C 24 -19.00 -33.73 16.96
C SER C 24 -18.26 -32.54 16.37
N LEU C 25 -17.29 -32.00 17.12
CA LEU C 25 -16.51 -30.82 16.71
C LEU C 25 -16.30 -30.62 15.21
N GLY C 26 -15.90 -31.68 14.51
CA GLY C 26 -15.69 -31.59 13.08
C GLY C 26 -16.79 -30.79 12.41
N ASN C 27 -18.05 -31.14 12.68
CA ASN C 27 -19.22 -30.48 12.11
C ASN C 27 -19.36 -28.98 12.38
N TRP C 28 -18.95 -28.54 13.56
CA TRP C 28 -19.04 -27.11 13.89
C TRP C 28 -17.93 -26.27 13.26
N VAL C 29 -16.75 -26.87 13.07
CA VAL C 29 -15.59 -26.18 12.43
C VAL C 29 -15.83 -26.11 10.92
N CYS C 30 -16.28 -27.21 10.35
CA CYS C 30 -16.57 -27.20 8.94
C CYS C 30 -17.70 -26.18 8.80
N ALA C 31 -18.76 -26.35 9.57
CA ALA C 31 -19.91 -25.44 9.52
C ALA C 31 -19.46 -24.00 9.38
N ALA C 32 -18.54 -23.58 10.25
CA ALA C 32 -18.03 -22.22 10.22
C ALA C 32 -17.31 -21.85 8.92
N LYS C 33 -16.66 -22.84 8.30
CA LYS C 33 -15.91 -22.68 7.04
C LYS C 33 -16.75 -22.18 5.87
N PHE C 34 -17.56 -23.08 5.34
CA PHE C 34 -18.40 -22.78 4.20
C PHE C 34 -19.49 -21.76 4.53
N GLU C 35 -19.52 -21.29 5.77
CA GLU C 35 -20.50 -20.30 6.18
C GLU C 35 -19.87 -18.90 6.19
N SER C 36 -18.79 -18.71 6.94
CA SER C 36 -18.15 -17.40 6.99
C SER C 36 -16.66 -17.48 6.68
N ASN C 37 -16.17 -18.70 6.54
CA ASN C 37 -14.76 -18.97 6.33
C ASN C 37 -14.05 -18.32 7.49
N PHE C 38 -14.59 -18.54 8.67
CA PHE C 38 -13.99 -18.02 9.89
C PHE C 38 -13.89 -16.49 9.94
N ASN C 39 -14.85 -15.79 9.35
CA ASN C 39 -14.80 -14.34 9.42
C ASN C 39 -15.97 -13.83 10.24
N SER C 40 -15.65 -13.28 11.40
CA SER C 40 -16.65 -12.73 12.30
C SER C 40 -17.58 -11.71 11.62
N GLN C 41 -17.03 -10.75 10.89
CA GLN C 41 -17.91 -9.78 10.28
C GLN C 41 -18.63 -10.21 9.02
N ALA C 42 -18.77 -11.48 8.73
CA ALA C 42 -19.46 -11.83 7.48
C ALA C 42 -21.00 -11.63 7.45
N THR C 43 -21.48 -10.42 7.17
CA THR C 43 -22.93 -10.17 7.14
C THR C 43 -23.55 -10.54 5.80
N ASN C 44 -24.87 -10.55 5.74
CA ASN C 44 -25.58 -10.94 4.53
C ASN C 44 -27.05 -10.51 4.53
N ARG C 45 -27.39 -9.46 3.80
CA ARG C 45 -28.78 -9.01 3.78
C ARG C 45 -29.62 -10.10 3.17
N ASN C 46 -30.90 -10.13 3.49
CA ASN C 46 -31.80 -11.12 2.89
C ASN C 46 -33.00 -10.39 2.37
N THR C 47 -33.64 -10.94 1.36
CA THR C 47 -34.80 -10.28 0.82
C THR C 47 -35.91 -10.71 1.78
N ASP C 48 -35.84 -10.09 2.97
CA ASP C 48 -36.76 -10.33 4.06
C ASP C 48 -36.26 -9.59 5.30
N GLY C 49 -35.63 -8.44 5.12
CA GLY C 49 -35.14 -7.68 6.25
C GLY C 49 -34.16 -8.38 7.19
N SER C 50 -34.11 -9.71 7.15
CA SER C 50 -33.21 -10.47 8.00
C SER C 50 -31.77 -10.26 7.52
N THR C 51 -30.84 -10.38 8.44
CA THR C 51 -29.43 -10.24 8.13
C THR C 51 -28.80 -11.35 8.91
N ASP C 52 -27.91 -12.09 8.26
CA ASP C 52 -27.25 -13.20 8.93
C ASP C 52 -25.94 -12.62 9.47
N TYR C 53 -25.59 -12.96 10.71
CA TYR C 53 -24.39 -12.41 11.35
C TYR C 53 -23.47 -13.51 11.85
N GLY C 54 -22.27 -13.11 12.25
CA GLY C 54 -21.30 -14.04 12.80
C GLY C 54 -20.74 -15.20 11.98
N VAL C 55 -19.83 -15.92 12.60
CA VAL C 55 -19.18 -17.08 12.02
C VAL C 55 -20.31 -17.96 11.50
N LEU C 56 -21.10 -18.51 12.39
CA LEU C 56 -22.27 -19.31 11.99
C LEU C 56 -23.22 -18.19 11.55
N GLN C 57 -23.83 -18.35 10.37
CA GLN C 57 -24.70 -17.30 9.83
C GLN C 57 -26.10 -17.22 10.44
N ILE C 58 -26.12 -16.90 11.74
CA ILE C 58 -27.35 -16.85 12.54
C ILE C 58 -28.27 -15.71 12.18
N ASN C 59 -29.50 -16.06 11.80
CA ASN C 59 -30.50 -15.09 11.36
C ASN C 59 -31.09 -14.20 12.44
N SER C 60 -31.44 -12.98 12.03
CA SER C 60 -31.99 -11.95 12.90
C SER C 60 -33.51 -11.91 13.10
N ARG C 61 -34.24 -12.81 12.48
CA ARG C 61 -35.69 -12.86 12.70
C ARG C 61 -35.88 -13.54 14.09
N TRP C 62 -35.99 -14.87 14.10
CA TRP C 62 -36.11 -15.66 15.32
C TRP C 62 -35.00 -15.38 16.36
N TRP C 63 -33.80 -15.92 16.16
CA TRP C 63 -32.64 -15.84 17.09
C TRP C 63 -31.82 -14.60 17.45
N CYS C 64 -31.99 -13.48 16.76
CA CYS C 64 -31.12 -12.36 17.05
C CYS C 64 -31.80 -10.98 17.06
N ASN C 65 -31.25 -10.00 17.77
CA ASN C 65 -31.87 -8.70 17.70
C ASN C 65 -30.95 -7.59 17.19
N ASP C 66 -31.36 -6.97 16.08
CA ASP C 66 -30.58 -5.89 15.47
C ASP C 66 -31.35 -4.58 15.34
N GLY C 67 -32.61 -4.60 15.71
CA GLY C 67 -33.42 -3.40 15.58
C GLY C 67 -34.16 -3.45 14.27
N ARG C 68 -33.43 -3.25 13.18
CA ARG C 68 -33.99 -3.20 11.83
C ARG C 68 -34.71 -4.42 11.23
N THR C 69 -34.97 -5.47 12.01
CA THR C 69 -35.66 -6.63 11.45
C THR C 69 -37.11 -6.73 11.91
N PRO C 70 -38.06 -6.74 10.98
CA PRO C 70 -39.43 -6.84 11.46
C PRO C 70 -39.76 -8.31 11.77
N GLY C 71 -40.60 -8.55 12.78
CA GLY C 71 -41.00 -9.91 13.15
C GLY C 71 -40.02 -10.61 14.08
N SER C 72 -39.20 -9.80 14.76
CA SER C 72 -38.16 -10.27 15.67
C SER C 72 -38.63 -11.00 16.93
N ARG C 73 -38.00 -12.15 17.18
CA ARG C 73 -38.32 -12.99 18.32
C ARG C 73 -37.19 -13.11 19.33
N ASN C 74 -35.97 -12.73 18.94
CA ASN C 74 -34.80 -12.80 19.82
C ASN C 74 -34.81 -13.95 20.87
N LEU C 75 -34.86 -15.20 20.41
CA LEU C 75 -34.88 -16.36 21.31
C LEU C 75 -33.56 -16.57 22.03
N CYS C 76 -32.47 -16.12 21.41
CA CYS C 76 -31.17 -16.31 22.03
C CYS C 76 -30.98 -15.22 23.05
N ASN C 77 -31.93 -14.31 23.11
CA ASN C 77 -31.84 -13.21 24.05
C ASN C 77 -30.43 -12.63 23.90
N ILE C 78 -30.18 -12.04 22.72
CA ILE C 78 -28.87 -11.49 22.38
C ILE C 78 -28.90 -10.47 21.23
N PRO C 79 -28.10 -9.38 21.36
CA PRO C 79 -28.10 -8.38 20.27
C PRO C 79 -27.16 -8.93 19.22
N CYS C 80 -27.54 -8.87 17.94
CA CYS C 80 -26.69 -9.37 16.86
C CYS C 80 -25.20 -9.03 17.00
N SER C 81 -24.91 -7.81 17.42
CA SER C 81 -23.53 -7.37 17.60
C SER C 81 -22.66 -8.44 18.19
N ALA C 82 -23.21 -9.21 19.12
CA ALA C 82 -22.46 -10.24 19.83
C ALA C 82 -21.99 -11.39 18.99
N LEU C 83 -22.60 -11.58 17.84
CA LEU C 83 -22.18 -12.66 16.98
C LEU C 83 -21.02 -12.20 16.07
N GLN C 84 -20.54 -10.98 16.25
CA GLN C 84 -19.44 -10.47 15.44
C GLN C 84 -18.32 -10.20 16.41
N SER C 85 -17.68 -11.23 16.94
CA SER C 85 -16.62 -10.92 17.89
C SER C 85 -15.44 -11.85 17.98
N SER C 86 -14.46 -11.38 18.74
CA SER C 86 -13.21 -12.06 19.02
C SER C 86 -13.40 -13.36 19.80
N ASP C 87 -14.65 -13.68 20.17
CA ASP C 87 -14.96 -14.90 20.92
C ASP C 87 -16.30 -15.44 20.46
N ILE C 88 -16.50 -16.73 20.60
CA ILE C 88 -17.76 -17.32 20.17
C ILE C 88 -18.73 -17.77 21.27
N THR C 89 -18.64 -17.18 22.46
CA THR C 89 -19.51 -17.54 23.58
C THR C 89 -20.96 -17.36 23.18
N ALA C 90 -21.27 -16.16 22.71
CA ALA C 90 -22.61 -15.84 22.28
C ALA C 90 -23.06 -16.61 21.05
N THR C 91 -22.10 -16.95 20.20
CA THR C 91 -22.41 -17.63 18.96
C THR C 91 -22.54 -19.12 19.14
N ALA C 92 -21.75 -19.65 20.07
CA ALA C 92 -21.74 -21.08 20.37
C ALA C 92 -23.06 -21.44 21.04
N ASN C 93 -23.34 -20.75 22.16
CA ASN C 93 -24.56 -20.97 22.95
C ASN C 93 -25.82 -20.67 22.14
N CYS C 94 -25.84 -19.53 21.46
CA CYS C 94 -26.98 -19.21 20.64
C CYS C 94 -27.17 -20.19 19.50
N ALA C 95 -26.15 -21.01 19.21
CA ALA C 95 -26.28 -21.98 18.14
C ALA C 95 -26.91 -23.22 18.73
N LYS C 96 -26.72 -23.39 20.05
CA LYS C 96 -27.26 -24.53 20.78
C LYS C 96 -28.79 -24.58 20.70
N LYS C 97 -29.45 -23.42 20.69
CA LYS C 97 -30.91 -23.43 20.55
C LYS C 97 -31.29 -23.83 19.11
N ILE C 98 -30.60 -23.23 18.13
CA ILE C 98 -30.83 -23.50 16.70
C ILE C 98 -30.74 -25.00 16.33
N VAL C 99 -29.69 -25.67 16.84
CA VAL C 99 -29.53 -27.09 16.54
C VAL C 99 -30.57 -27.91 17.32
N SER C 100 -31.15 -27.28 18.36
CA SER C 100 -32.19 -27.90 19.21
C SER C 100 -33.58 -27.55 18.73
N ASP C 101 -33.73 -27.22 17.46
CA ASP C 101 -35.03 -26.81 16.97
C ASP C 101 -35.73 -27.76 16.00
N GLY C 102 -35.21 -28.95 15.84
CA GLY C 102 -35.88 -29.89 14.93
C GLY C 102 -34.86 -30.65 14.14
N ASN C 103 -34.81 -30.42 12.84
CA ASN C 103 -33.82 -31.12 12.02
C ASN C 103 -32.46 -30.54 12.35
N GLY C 104 -31.60 -31.39 12.89
CA GLY C 104 -30.27 -31.01 13.33
C GLY C 104 -29.52 -29.80 12.80
N MET C 105 -28.42 -30.07 12.10
CA MET C 105 -27.58 -29.00 11.56
C MET C 105 -28.02 -28.55 10.18
N ASN C 106 -29.05 -29.19 9.66
CA ASN C 106 -29.58 -28.82 8.37
C ASN C 106 -30.16 -27.41 8.44
N ALA C 107 -30.04 -26.80 9.61
CA ALA C 107 -30.48 -25.44 9.83
C ALA C 107 -29.48 -24.54 9.11
N TRP C 108 -28.29 -25.09 8.88
CA TRP C 108 -27.21 -24.39 8.20
C TRP C 108 -26.96 -25.01 6.82
N VAL C 109 -27.68 -24.51 5.81
CA VAL C 109 -27.60 -25.00 4.44
C VAL C 109 -26.21 -25.34 3.92
N ALA C 110 -25.22 -24.49 4.22
CA ALA C 110 -23.85 -24.74 3.79
C ALA C 110 -23.36 -26.06 4.37
N TRP C 111 -23.77 -26.35 5.60
CA TRP C 111 -23.37 -27.60 6.27
C TRP C 111 -24.04 -28.79 5.56
N ARG C 112 -25.31 -28.64 5.24
CA ARG C 112 -26.04 -29.71 4.58
C ARG C 112 -25.37 -29.98 3.25
N LYS C 113 -25.01 -28.91 2.53
CA LYS C 113 -24.37 -28.98 1.20
C LYS C 113 -22.90 -29.39 1.12
N HIS C 114 -22.04 -28.83 1.96
CA HIS C 114 -20.63 -29.18 1.89
C HIS C 114 -20.12 -30.08 3.00
N CYS C 115 -20.97 -30.41 3.98
CA CYS C 115 -20.54 -31.26 5.10
C CYS C 115 -21.31 -32.50 5.49
N LYS C 116 -22.62 -32.46 5.31
CA LYS C 116 -23.43 -33.61 5.67
C LYS C 116 -22.92 -34.89 5.03
N GLY C 117 -22.33 -35.74 5.86
CA GLY C 117 -21.84 -37.01 5.36
C GLY C 117 -20.36 -37.23 5.11
N THR C 118 -19.54 -36.19 5.21
CA THR C 118 -18.10 -36.37 4.99
C THR C 118 -17.39 -36.72 6.30
N ASP C 119 -16.09 -36.95 6.25
CA ASP C 119 -15.36 -37.27 7.47
C ASP C 119 -14.87 -35.98 8.08
N VAL C 120 -15.78 -35.28 8.78
CA VAL C 120 -15.47 -33.99 9.39
C VAL C 120 -14.20 -33.97 10.21
N ARG C 121 -13.79 -35.14 10.67
CA ARG C 121 -12.59 -35.29 11.48
C ARG C 121 -11.42 -34.49 10.93
N VAL C 122 -11.28 -34.51 9.59
CA VAL C 122 -10.19 -33.80 8.92
C VAL C 122 -10.04 -32.35 9.38
N TRP C 123 -11.17 -31.68 9.57
CA TRP C 123 -11.19 -30.29 9.98
C TRP C 123 -10.60 -29.93 11.35
N ILE C 124 -10.30 -30.92 12.18
CA ILE C 124 -9.71 -30.64 13.50
C ILE C 124 -8.38 -31.37 13.61
N LYS C 125 -8.09 -32.18 12.58
CA LYS C 125 -6.86 -32.98 12.49
C LYS C 125 -5.58 -32.12 12.51
N GLY C 126 -4.93 -32.07 13.67
CA GLY C 126 -3.73 -31.27 13.83
C GLY C 126 -3.92 -30.27 14.96
N CYS C 127 -5.19 -30.09 15.34
CA CYS C 127 -5.58 -29.17 16.41
C CYS C 127 -5.44 -29.83 17.78
N ARG C 128 -4.55 -29.32 18.63
CA ARG C 128 -4.41 -29.90 19.97
C ARG C 128 -5.53 -29.34 20.85
N LEU C 129 -6.62 -30.09 20.89
CA LEU C 129 -7.79 -29.71 21.67
C LEU C 129 -7.55 -30.21 23.10
N ASP D 1 44.03 37.54 -28.79
CA ASP D 1 44.46 36.15 -28.48
C ASP D 1 45.85 36.30 -27.92
N ILE D 2 46.42 35.18 -27.46
CA ILE D 2 47.78 35.21 -26.95
C ILE D 2 48.56 34.95 -28.21
N GLN D 3 49.52 35.82 -28.51
CA GLN D 3 50.31 35.68 -29.72
C GLN D 3 51.47 34.70 -29.56
N MET D 4 51.54 33.75 -30.47
CA MET D 4 52.58 32.75 -30.46
C MET D 4 53.49 32.97 -31.69
N THR D 5 54.61 33.66 -31.46
CA THR D 5 55.57 34.01 -32.51
C THR D 5 56.69 33.03 -32.84
N GLN D 6 56.70 32.51 -34.06
CA GLN D 6 57.78 31.63 -34.53
C GLN D 6 58.57 32.40 -35.63
N THR D 7 59.55 33.17 -35.19
CA THR D 7 60.37 34.05 -36.04
C THR D 7 61.05 33.52 -37.31
N THR D 8 61.31 32.21 -37.38
CA THR D 8 61.99 31.63 -38.54
C THR D 8 61.17 30.51 -39.16
N SER D 9 60.60 30.82 -40.33
CA SER D 9 59.77 29.88 -41.08
C SER D 9 60.52 28.68 -41.64
N SER D 10 61.81 28.84 -41.90
CA SER D 10 62.61 27.76 -42.45
C SER D 10 64.00 27.70 -41.83
N LEU D 11 64.35 26.51 -41.39
CA LEU D 11 65.64 26.28 -40.75
C LEU D 11 66.38 25.32 -41.67
N SER D 12 67.58 25.74 -42.06
CA SER D 12 68.47 24.98 -42.94
C SER D 12 69.46 24.15 -42.13
N ALA D 13 69.33 22.83 -42.21
CA ALA D 13 70.21 21.95 -41.46
C ALA D 13 70.45 20.63 -42.16
N SER D 14 71.66 20.12 -42.02
CA SER D 14 72.00 18.86 -42.65
C SER D 14 71.80 17.75 -41.65
N LEU D 15 71.34 16.61 -42.16
CA LEU D 15 71.09 15.42 -41.36
C LEU D 15 72.31 15.13 -40.48
N GLY D 16 72.15 15.25 -39.16
CA GLY D 16 73.26 15.02 -38.27
C GLY D 16 73.49 16.18 -37.32
N ASP D 17 73.14 17.37 -37.74
CA ASP D 17 73.31 18.55 -36.88
C ASP D 17 72.33 18.57 -35.69
N ARG D 18 72.34 19.69 -34.94
CA ARG D 18 71.45 19.90 -33.80
C ARG D 18 70.69 21.21 -33.99
N VAL D 19 69.38 21.08 -34.12
CA VAL D 19 68.51 22.23 -34.33
C VAL D 19 67.74 22.62 -33.06
N THR D 20 67.55 23.93 -32.88
CA THR D 20 66.82 24.47 -31.73
C THR D 20 65.76 25.46 -32.19
N ILE D 21 64.55 24.96 -32.35
CA ILE D 21 63.44 25.79 -32.77
C ILE D 21 63.04 26.63 -31.55
N SER D 22 62.56 27.85 -31.77
CA SER D 22 62.16 28.74 -30.68
C SER D 22 60.74 29.25 -30.82
N CYS D 23 60.02 29.25 -29.71
CA CYS D 23 58.66 29.74 -29.70
C CYS D 23 58.62 30.87 -28.67
N ARG D 24 57.66 31.79 -28.81
CA ARG D 24 57.59 32.96 -27.92
C ARG D 24 56.18 33.57 -27.86
N ALA D 25 55.56 33.50 -26.68
CA ALA D 25 54.22 34.03 -26.50
C ALA D 25 54.21 35.49 -26.10
N SER D 26 53.03 36.11 -26.22
CA SER D 26 52.83 37.51 -25.88
C SER D 26 52.81 37.81 -24.39
N GLN D 27 52.63 36.78 -23.57
CA GLN D 27 52.61 36.93 -22.11
C GLN D 27 53.15 35.65 -21.48
N ASP D 28 53.40 35.70 -20.18
CA ASP D 28 53.87 34.50 -19.50
C ASP D 28 52.66 33.56 -19.46
N ILE D 29 52.82 32.40 -20.06
CA ILE D 29 51.75 31.43 -20.13
C ILE D 29 52.00 30.30 -19.14
N SER D 30 52.95 30.52 -18.24
CA SER D 30 53.29 29.56 -17.20
C SER D 30 53.64 28.16 -17.68
N ASN D 31 54.50 28.07 -18.68
CA ASN D 31 54.94 26.77 -19.20
C ASN D 31 53.92 25.87 -19.87
N TYR D 32 52.65 26.23 -19.82
CA TYR D 32 51.63 25.43 -20.48
C TYR D 32 51.87 25.66 -21.95
N LEU D 33 52.73 24.83 -22.52
CA LEU D 33 53.12 24.92 -23.92
C LEU D 33 53.45 23.55 -24.40
N ASN D 34 53.33 23.32 -25.70
CA ASN D 34 53.63 22.00 -26.26
C ASN D 34 53.92 22.09 -27.76
N TRP D 35 54.73 21.17 -28.27
CA TRP D 35 55.08 21.18 -29.69
C TRP D 35 54.47 20.03 -30.48
N TYR D 36 54.07 20.31 -31.72
CA TYR D 36 53.45 19.32 -32.60
C TYR D 36 54.18 19.33 -33.92
N GLN D 37 54.41 18.13 -34.45
CA GLN D 37 55.10 17.94 -35.70
C GLN D 37 54.12 17.69 -36.84
N LYS D 38 54.49 18.14 -38.02
CA LYS D 38 53.67 17.94 -39.19
C LYS D 38 54.54 17.61 -40.39
N LYS D 39 54.69 16.32 -40.65
CA LYS D 39 55.47 15.86 -41.78
C LYS D 39 54.56 16.10 -43.00
N PRO D 40 55.13 16.56 -44.11
CA PRO D 40 54.37 16.86 -45.33
C PRO D 40 53.59 15.70 -45.89
N ASP D 41 52.44 15.46 -45.27
CA ASP D 41 51.51 14.41 -45.68
C ASP D 41 50.20 14.67 -44.93
N GLY D 42 50.20 15.71 -44.07
CA GLY D 42 49.01 16.09 -43.32
C GLY D 42 48.94 15.61 -41.88
N THR D 43 49.63 14.51 -41.60
CA THR D 43 49.63 13.91 -40.28
C THR D 43 50.27 14.77 -39.19
N VAL D 44 49.55 14.92 -38.07
CA VAL D 44 50.03 15.73 -36.95
C VAL D 44 50.21 14.86 -35.72
N LYS D 45 51.27 15.12 -34.95
CA LYS D 45 51.53 14.33 -33.75
C LYS D 45 52.22 15.15 -32.64
N LEU D 46 51.64 15.16 -31.45
CA LEU D 46 52.22 15.88 -30.32
C LEU D 46 53.57 15.29 -30.01
N LEU D 47 54.53 16.12 -29.67
CA LEU D 47 55.87 15.65 -29.37
C LEU D 47 56.18 15.86 -27.90
N ILE D 48 56.19 17.12 -27.50
CA ILE D 48 56.48 17.50 -26.13
C ILE D 48 55.27 18.21 -25.56
N TYR D 49 55.06 18.07 -24.26
CA TYR D 49 53.96 18.71 -23.56
C TYR D 49 54.53 19.39 -22.30
N TYR D 50 53.77 20.32 -21.74
CA TYR D 50 54.13 21.09 -20.55
C TYR D 50 55.56 21.67 -20.56
N THR D 51 55.97 22.21 -21.70
CA THR D 51 57.31 22.81 -21.89
C THR D 51 58.38 21.75 -22.11
N SER D 52 58.38 20.71 -21.28
CA SER D 52 59.38 19.64 -21.32
C SER D 52 58.96 18.21 -20.94
N ARG D 53 58.02 17.61 -21.65
CA ARG D 53 57.66 16.24 -21.30
C ARG D 53 57.36 15.40 -22.52
N LEU D 54 58.37 14.64 -22.97
CA LEU D 54 58.26 13.79 -24.15
C LEU D 54 57.03 12.93 -24.02
N HIS D 55 56.14 13.03 -25.00
CA HIS D 55 54.92 12.26 -24.98
C HIS D 55 55.28 10.78 -25.19
N SER D 56 54.43 9.87 -24.72
CA SER D 56 54.68 8.45 -24.89
C SER D 56 54.75 8.12 -26.38
N GLY D 57 55.92 7.70 -26.83
CA GLY D 57 56.11 7.41 -28.24
C GLY D 57 56.68 8.66 -28.91
N VAL D 58 57.90 9.04 -28.48
CA VAL D 58 58.63 10.21 -28.99
C VAL D 58 60.12 10.00 -28.69
N PRO D 59 60.96 9.98 -29.72
CA PRO D 59 62.40 9.81 -29.51
C PRO D 59 63.05 10.90 -28.67
N SER D 60 63.97 10.47 -27.81
CA SER D 60 64.71 11.36 -26.91
C SER D 60 65.50 12.47 -27.60
N ARG D 61 65.53 12.49 -28.93
CA ARG D 61 66.27 13.53 -29.65
C ARG D 61 65.65 14.87 -29.27
N PHE D 62 64.33 14.85 -29.12
CA PHE D 62 63.56 16.02 -28.78
C PHE D 62 63.66 16.40 -27.30
N SER D 63 63.91 17.67 -27.03
CA SER D 63 64.03 18.14 -25.66
C SER D 63 63.28 19.43 -25.46
N GLY D 64 62.40 19.46 -24.46
CA GLY D 64 61.64 20.67 -24.17
C GLY D 64 62.41 21.64 -23.27
N SER D 65 62.33 22.92 -23.58
CA SER D 65 63.05 23.92 -22.80
C SER D 65 62.18 25.14 -22.83
N GLY D 66 62.50 26.12 -21.99
CA GLY D 66 61.75 27.36 -21.96
C GLY D 66 60.99 27.67 -20.69
N SER D 67 60.56 28.92 -20.56
CA SER D 67 59.84 29.38 -19.39
C SER D 67 59.38 30.79 -19.65
N GLY D 68 58.47 31.27 -18.81
CA GLY D 68 57.97 32.62 -18.92
C GLY D 68 57.35 32.98 -20.25
N THR D 69 58.15 33.59 -21.13
CA THR D 69 57.67 34.01 -22.43
C THR D 69 58.43 33.39 -23.63
N ASP D 70 59.66 32.96 -23.39
CA ASP D 70 60.47 32.34 -24.44
C ASP D 70 60.54 30.81 -24.30
N TYR D 71 60.67 30.09 -25.42
CA TYR D 71 60.75 28.64 -25.36
C TYR D 71 61.55 28.05 -26.52
N SER D 72 61.92 26.77 -26.42
CA SER D 72 62.70 26.07 -27.45
C SER D 72 62.42 24.57 -27.59
N LEU D 73 62.66 24.05 -28.78
CA LEU D 73 62.50 22.63 -29.11
C LEU D 73 63.79 22.21 -29.82
N THR D 74 64.60 21.41 -29.13
CA THR D 74 65.89 20.93 -29.65
C THR D 74 65.83 19.52 -30.19
N ILE D 75 66.36 19.36 -31.40
CA ILE D 75 66.46 18.06 -32.05
C ILE D 75 67.97 17.81 -32.15
N ARG D 76 68.40 16.58 -31.90
CA ARG D 76 69.82 16.23 -32.01
C ARG D 76 70.02 15.31 -33.22
N ASN D 77 71.06 15.58 -34.02
CA ASN D 77 71.38 14.81 -35.23
C ASN D 77 70.16 14.45 -36.07
N LEU D 78 69.49 15.49 -36.59
CA LEU D 78 68.27 15.32 -37.37
C LEU D 78 68.21 14.32 -38.54
N GLU D 79 67.34 13.31 -38.39
CA GLU D 79 67.14 12.27 -39.39
C GLU D 79 65.98 12.58 -40.33
N GLN D 80 65.95 11.89 -41.46
CA GLN D 80 64.90 12.11 -42.45
C GLN D 80 63.53 11.90 -41.85
N GLU D 81 63.46 11.12 -40.77
CA GLU D 81 62.18 10.87 -40.11
C GLU D 81 61.57 12.19 -39.62
N ASP D 82 62.42 13.15 -39.28
CA ASP D 82 61.94 14.43 -38.77
C ASP D 82 62.07 15.69 -39.63
N ILE D 83 61.98 15.53 -40.95
CA ILE D 83 62.01 16.69 -41.84
C ILE D 83 60.55 17.08 -41.95
N ALA D 84 60.09 17.92 -41.02
CA ALA D 84 58.70 18.35 -40.98
C ALA D 84 58.54 19.79 -40.49
N THR D 85 57.29 20.22 -40.33
CA THR D 85 56.99 21.56 -39.84
C THR D 85 56.66 21.41 -38.36
N TYR D 86 57.24 22.28 -37.53
CA TYR D 86 57.02 22.25 -36.09
C TYR D 86 56.28 23.46 -35.55
N PHE D 87 55.33 23.21 -34.66
CA PHE D 87 54.53 24.27 -34.06
C PHE D 87 54.69 24.24 -32.54
N CYS D 88 54.13 25.25 -31.88
CA CYS D 88 54.13 25.34 -30.42
C CYS D 88 52.80 26.05 -30.19
N GLN D 89 52.11 25.71 -29.11
CA GLN D 89 50.84 26.36 -28.82
C GLN D 89 50.73 26.48 -27.33
N GLN D 90 50.27 27.63 -26.85
CA GLN D 90 50.11 27.83 -25.41
C GLN D 90 48.75 27.29 -24.99
N GLY D 91 48.71 26.67 -23.83
CA GLY D 91 47.47 26.11 -23.32
C GLY D 91 47.07 26.80 -22.04
N TYR D 92 47.56 28.00 -21.86
CA TYR D 92 47.27 28.77 -20.66
C TYR D 92 45.87 29.28 -20.57
N THR D 93 45.35 29.80 -21.68
CA THR D 93 44.01 30.38 -21.68
C THR D 93 43.30 30.03 -22.94
N LEU D 94 42.05 30.48 -23.04
CA LEU D 94 41.30 30.19 -24.24
C LEU D 94 41.32 31.44 -25.14
N PRO D 95 41.28 31.24 -26.46
CA PRO D 95 41.22 29.95 -27.17
C PRO D 95 42.67 29.55 -27.44
N TYR D 96 42.93 28.27 -27.61
CA TYR D 96 44.31 27.83 -27.83
C TYR D 96 44.81 28.39 -29.16
N THR D 97 46.02 28.94 -29.13
CA THR D 97 46.61 29.49 -30.32
C THR D 97 48.03 28.96 -30.52
N PHE D 98 48.31 28.50 -31.73
CA PHE D 98 49.61 27.94 -32.08
C PHE D 98 50.42 29.00 -32.81
N GLY D 99 51.74 28.81 -32.84
CA GLY D 99 52.59 29.73 -33.55
C GLY D 99 52.34 29.52 -35.03
N GLY D 100 53.28 29.97 -35.85
CA GLY D 100 53.12 29.83 -37.28
C GLY D 100 53.61 28.48 -37.81
N GLY D 101 54.74 28.04 -37.27
CA GLY D 101 55.33 26.79 -37.70
C GLY D 101 56.68 27.11 -38.30
N THR D 102 57.62 26.19 -38.09
CA THR D 102 58.98 26.28 -38.59
C THR D 102 59.24 25.02 -39.42
N LYS D 103 59.75 25.21 -40.64
CA LYS D 103 60.02 24.10 -41.55
C LYS D 103 61.51 23.96 -41.88
N LEU D 104 61.97 22.71 -41.90
CA LEU D 104 63.34 22.38 -42.19
C LEU D 104 63.61 22.01 -43.66
N GLU D 105 64.76 22.46 -44.17
CA GLU D 105 65.22 22.17 -45.54
C GLU D 105 66.57 21.51 -45.31
N ILE D 106 66.94 20.53 -46.14
CA ILE D 106 68.23 19.87 -45.92
C ILE D 106 69.30 20.63 -46.68
N LYS D 107 70.45 20.82 -46.02
CA LYS D 107 71.58 21.57 -46.58
C LYS D 107 72.31 20.92 -47.76
N ARG D 108 71.92 21.34 -48.97
CA ARG D 108 72.52 20.86 -50.21
C ARG D 108 73.60 21.84 -50.60
N ALA D 109 74.22 21.60 -51.75
CA ALA D 109 75.28 22.49 -52.24
C ALA D 109 74.69 23.54 -53.19
N ASP D 110 75.08 24.80 -52.97
CA ASP D 110 74.61 25.90 -53.79
C ASP D 110 75.01 25.60 -55.21
N ALA D 111 74.02 25.48 -56.09
CA ALA D 111 74.27 25.21 -57.50
C ALA D 111 73.48 26.22 -58.31
N ALA D 112 73.83 26.36 -59.57
CA ALA D 112 73.13 27.31 -60.41
C ALA D 112 71.83 26.73 -60.97
N PRO D 113 70.83 27.59 -61.19
CA PRO D 113 69.54 27.18 -61.73
C PRO D 113 69.51 27.17 -63.26
N THR D 114 68.97 26.10 -63.85
CA THR D 114 68.85 25.99 -65.31
C THR D 114 67.48 26.49 -65.80
N VAL D 115 67.48 27.56 -66.59
CA VAL D 115 66.24 28.14 -67.11
C VAL D 115 65.94 27.58 -68.49
N SER D 116 64.70 27.72 -68.94
CA SER D 116 64.31 27.26 -70.27
C SER D 116 62.97 27.88 -70.66
N ILE D 117 63.03 28.90 -71.51
CA ILE D 117 61.82 29.58 -71.94
C ILE D 117 61.08 28.77 -72.99
N PHE D 118 59.76 28.74 -72.88
CA PHE D 118 58.94 27.98 -73.82
C PHE D 118 57.81 28.78 -74.46
N PRO D 119 58.03 29.24 -75.69
CA PRO D 119 57.06 30.02 -76.48
C PRO D 119 55.73 29.26 -76.60
N PRO D 120 54.64 29.97 -76.88
CA PRO D 120 53.31 29.33 -77.00
C PRO D 120 53.23 28.29 -78.13
N SER D 121 52.40 27.27 -77.94
CA SER D 121 52.23 26.26 -78.96
C SER D 121 51.16 26.71 -79.95
N SER D 122 51.28 26.29 -81.20
CA SER D 122 50.32 26.65 -82.25
C SER D 122 48.90 26.22 -81.87
N GLU D 123 48.78 24.97 -81.46
CA GLU D 123 47.51 24.37 -81.04
C GLU D 123 46.84 25.22 -79.98
N GLN D 124 47.66 25.91 -79.19
CA GLN D 124 47.17 26.77 -78.12
C GLN D 124 46.67 28.09 -78.68
N LEU D 125 47.49 28.71 -79.53
CA LEU D 125 47.12 30.00 -80.13
C LEU D 125 45.79 29.94 -80.87
N THR D 126 45.46 28.73 -81.34
CA THR D 126 44.23 28.50 -82.06
C THR D 126 42.97 28.90 -81.26
N SER D 127 42.83 28.41 -80.03
CA SER D 127 41.66 28.72 -79.21
C SER D 127 41.51 30.18 -78.77
N GLY D 128 42.61 30.93 -78.81
CA GLY D 128 42.58 32.33 -78.42
C GLY D 128 43.62 32.79 -77.41
N GLY D 129 44.25 31.84 -76.72
CA GLY D 129 45.24 32.18 -75.72
C GLY D 129 46.65 32.33 -76.27
N ALA D 130 47.60 32.57 -75.36
CA ALA D 130 49.01 32.73 -75.70
C ALA D 130 49.81 32.71 -74.40
N SER D 131 50.02 31.52 -73.84
CA SER D 131 50.76 31.39 -72.59
C SER D 131 52.23 31.06 -72.79
N VAL D 132 53.11 31.93 -72.30
CA VAL D 132 54.54 31.70 -72.43
C VAL D 132 55.03 31.06 -71.14
N VAL D 133 55.74 29.94 -71.26
CA VAL D 133 56.25 29.18 -70.13
C VAL D 133 57.74 29.45 -69.88
N CYS D 134 58.23 28.97 -68.74
CA CYS D 134 59.63 29.16 -68.36
C CYS D 134 59.89 28.20 -67.18
N PHE D 135 60.89 27.34 -67.28
CA PHE D 135 61.18 26.40 -66.19
C PHE D 135 62.52 26.60 -65.47
N LEU D 136 62.48 27.17 -64.27
CA LEU D 136 63.71 27.35 -63.48
C LEU D 136 63.85 26.03 -62.73
N ASN D 137 64.71 25.13 -63.21
CA ASN D 137 64.86 23.83 -62.58
C ASN D 137 66.12 23.57 -61.80
N ASN D 138 66.01 22.58 -60.91
CA ASN D 138 67.08 22.09 -60.04
C ASN D 138 68.12 23.09 -59.52
N PHE D 139 67.84 23.68 -58.35
CA PHE D 139 68.76 24.64 -57.73
C PHE D 139 68.67 24.63 -56.22
N TYR D 140 69.61 25.33 -55.59
CA TYR D 140 69.71 25.46 -54.14
C TYR D 140 70.71 26.58 -53.86
N PRO D 141 70.41 27.50 -52.92
CA PRO D 141 69.22 27.63 -52.07
C PRO D 141 67.95 27.99 -52.84
N LYS D 142 66.85 28.10 -52.09
CA LYS D 142 65.53 28.41 -52.64
C LYS D 142 65.33 29.88 -53.03
N ASP D 143 66.15 30.77 -52.48
CA ASP D 143 66.05 32.19 -52.76
C ASP D 143 66.22 32.47 -54.25
N ILE D 144 65.15 32.86 -54.91
CA ILE D 144 65.17 33.17 -56.35
C ILE D 144 63.89 33.91 -56.74
N ASN D 145 64.01 34.91 -57.62
CA ASN D 145 62.86 35.69 -58.06
C ASN D 145 62.83 35.80 -59.57
N VAL D 146 61.63 35.73 -60.14
CA VAL D 146 61.49 35.83 -61.59
C VAL D 146 60.88 37.14 -62.05
N LYS D 147 61.17 37.49 -63.31
CA LYS D 147 60.68 38.70 -63.95
C LYS D 147 60.40 38.36 -65.41
N TRP D 148 59.38 38.98 -65.97
CA TRP D 148 59.03 38.74 -67.36
C TRP D 148 59.11 40.03 -68.17
N LYS D 149 60.16 40.18 -68.95
CA LYS D 149 60.31 41.36 -69.79
C LYS D 149 59.59 40.99 -71.08
N ILE D 150 58.25 41.08 -71.07
CA ILE D 150 57.44 40.74 -72.24
C ILE D 150 57.79 41.52 -73.50
N ASP D 151 58.33 42.72 -73.31
CA ASP D 151 58.73 43.61 -74.39
C ASP D 151 59.37 44.80 -73.69
N GLY D 152 60.39 44.53 -72.90
CA GLY D 152 61.07 45.57 -72.16
C GLY D 152 60.47 45.74 -70.77
N SER D 153 59.15 45.92 -70.71
CA SER D 153 58.46 46.09 -69.43
C SER D 153 58.14 44.81 -68.67
N GLU D 154 58.66 44.72 -67.45
CA GLU D 154 58.43 43.58 -66.57
C GLU D 154 56.99 43.57 -66.09
N ARG D 155 56.12 42.93 -66.86
CA ARG D 155 54.69 42.89 -66.50
C ARG D 155 54.36 41.94 -65.36
N GLN D 156 54.47 42.40 -64.12
CA GLN D 156 54.13 41.59 -62.95
C GLN D 156 52.60 41.46 -62.91
N ASN D 157 52.01 40.92 -63.98
CA ASN D 157 50.57 40.78 -64.09
C ASN D 157 50.05 39.34 -64.08
N GLY D 158 49.79 38.77 -65.26
CA GLY D 158 49.28 37.41 -65.34
C GLY D 158 50.36 36.34 -65.22
N VAL D 159 51.31 36.53 -64.32
CA VAL D 159 52.40 35.60 -64.12
C VAL D 159 52.04 34.61 -63.01
N LEU D 160 51.86 33.34 -63.38
CA LEU D 160 51.53 32.27 -62.44
C LEU D 160 52.76 31.45 -62.11
N ASN D 161 53.10 31.41 -60.82
CA ASN D 161 54.27 30.68 -60.35
C ASN D 161 53.93 29.61 -59.32
N SER D 162 54.56 28.46 -59.46
CA SER D 162 54.41 27.33 -58.54
C SER D 162 55.83 26.85 -58.32
N TRP D 163 56.15 26.52 -57.07
CA TRP D 163 57.49 26.08 -56.72
C TRP D 163 57.53 24.60 -56.41
N THR D 164 58.72 24.09 -56.15
CA THR D 164 58.93 22.69 -55.85
C THR D 164 59.46 22.51 -54.44
N ASP D 165 58.87 21.55 -53.71
CA ASP D 165 59.28 21.27 -52.34
C ASP D 165 60.70 20.68 -52.30
N GLN D 166 60.85 19.38 -52.16
CA GLN D 166 62.18 18.79 -52.14
C GLN D 166 62.15 17.62 -53.09
N ASP D 167 63.29 17.34 -53.69
CA ASP D 167 63.37 16.25 -54.65
C ASP D 167 63.33 14.86 -54.03
N SER D 168 62.60 13.97 -54.68
CA SER D 168 62.44 12.58 -54.25
C SER D 168 63.78 11.86 -54.07
N LYS D 169 64.83 12.39 -54.71
CA LYS D 169 66.15 11.79 -54.61
C LYS D 169 67.22 12.80 -54.24
N ASP D 170 66.81 14.04 -53.99
CA ASP D 170 67.77 15.06 -53.63
C ASP D 170 67.19 16.35 -53.06
N SER D 171 68.07 17.19 -52.54
CA SER D 171 67.72 18.47 -51.96
C SER D 171 67.80 19.59 -53.00
N THR D 172 66.86 19.61 -53.93
CA THR D 172 66.83 20.63 -54.98
C THR D 172 65.41 21.11 -55.37
N TYR D 173 65.22 22.43 -55.42
CA TYR D 173 63.92 23.02 -55.78
C TYR D 173 63.92 23.40 -57.24
N SER D 174 62.73 23.70 -57.76
CA SER D 174 62.53 24.10 -59.15
C SER D 174 61.32 25.02 -59.12
N MET D 175 60.82 25.41 -60.28
CA MET D 175 59.63 26.27 -60.35
C MET D 175 59.22 26.57 -61.78
N SER D 176 57.98 26.98 -61.97
CA SER D 176 57.50 27.34 -63.31
C SER D 176 57.15 28.82 -63.22
N SER D 177 56.81 29.46 -64.34
CA SER D 177 56.44 30.87 -64.33
C SER D 177 55.55 31.18 -65.52
N THR D 178 54.36 30.59 -65.52
CA THR D 178 53.39 30.76 -66.61
C THR D 178 52.73 32.15 -66.74
N LEU D 179 53.34 33.00 -67.57
CA LEU D 179 52.88 34.36 -67.88
C LEU D 179 51.78 34.21 -68.92
N THR D 180 50.61 33.79 -68.49
CA THR D 180 49.49 33.58 -69.41
C THR D 180 48.98 34.86 -70.06
N LEU D 181 49.18 34.96 -71.38
CA LEU D 181 48.79 36.11 -72.17
C LEU D 181 47.73 35.66 -73.17
N THR D 182 47.08 36.64 -73.82
CA THR D 182 46.07 36.32 -74.82
C THR D 182 46.63 36.65 -76.19
N LYS D 183 46.18 35.91 -77.20
CA LYS D 183 46.62 36.13 -78.59
C LYS D 183 46.16 37.52 -79.00
N ASP D 184 45.02 37.92 -78.46
CA ASP D 184 44.44 39.24 -78.70
C ASP D 184 45.16 40.24 -77.77
N GLU D 185 46.48 40.34 -77.98
CA GLU D 185 47.38 41.21 -77.23
C GLU D 185 48.78 40.78 -77.66
N TYR D 186 48.89 39.52 -78.07
CA TYR D 186 50.12 38.93 -78.55
C TYR D 186 50.30 39.53 -79.94
N GLU D 187 51.05 38.85 -80.81
CA GLU D 187 51.29 39.29 -82.19
C GLU D 187 52.31 40.43 -82.27
N ARG D 188 52.13 41.46 -81.45
CA ARG D 188 53.06 42.59 -81.42
C ARG D 188 54.16 42.30 -80.39
N HIS D 189 54.86 43.35 -79.96
CA HIS D 189 55.93 43.24 -78.96
C HIS D 189 56.98 42.25 -79.44
N ASN D 190 57.93 41.87 -78.59
CA ASN D 190 58.97 40.91 -78.97
C ASN D 190 59.94 40.61 -77.84
N SER D 191 60.84 39.66 -78.09
CA SER D 191 61.87 39.25 -77.14
C SER D 191 61.40 38.99 -75.71
N TYR D 192 60.34 38.19 -75.55
CA TYR D 192 59.83 37.89 -74.22
C TYR D 192 60.98 37.22 -73.47
N THR D 193 61.57 37.95 -72.55
CA THR D 193 62.71 37.46 -71.76
C THR D 193 62.29 37.10 -70.33
N CYS D 194 62.51 35.85 -69.96
CA CYS D 194 62.19 35.36 -68.63
C CYS D 194 63.44 35.54 -67.76
N GLU D 195 63.44 36.60 -66.94
CA GLU D 195 64.57 36.92 -66.07
C GLU D 195 64.45 36.41 -64.64
N ALA D 196 65.52 35.81 -64.13
CA ALA D 196 65.52 35.29 -62.79
C ALA D 196 66.73 35.78 -62.01
N THR D 197 66.46 36.33 -60.83
CA THR D 197 67.51 36.84 -59.95
C THR D 197 67.88 35.77 -58.91
N HIS D 198 69.02 35.13 -59.12
CA HIS D 198 69.48 34.10 -58.21
C HIS D 198 70.89 34.44 -57.81
N LYS D 199 71.35 33.84 -56.71
CA LYS D 199 72.70 34.05 -56.19
C LYS D 199 73.75 33.60 -57.22
N THR D 200 75.00 34.01 -56.99
CA THR D 200 76.14 33.66 -57.85
C THR D 200 76.40 34.64 -59.02
N SER D 201 75.87 34.30 -60.20
CA SER D 201 76.06 35.08 -61.43
C SER D 201 76.10 36.59 -61.34
N THR D 202 75.31 37.19 -60.44
CA THR D 202 75.24 38.64 -60.29
C THR D 202 74.40 39.25 -61.43
N SER D 203 74.72 38.87 -62.67
CA SER D 203 73.98 39.35 -63.82
C SER D 203 72.83 38.36 -64.00
N PRO D 204 71.59 38.84 -63.89
CA PRO D 204 70.35 38.06 -64.02
C PRO D 204 70.35 37.06 -65.19
N ILE D 205 70.07 35.80 -64.89
CA ILE D 205 70.01 34.79 -65.94
C ILE D 205 68.72 35.02 -66.69
N VAL D 206 68.83 35.12 -68.01
CA VAL D 206 67.66 35.38 -68.83
C VAL D 206 67.69 34.56 -70.09
N LYS D 207 66.53 34.44 -70.72
CA LYS D 207 66.39 33.72 -71.98
C LYS D 207 65.39 34.51 -72.81
N SER D 208 65.82 34.91 -74.01
CA SER D 208 64.98 35.68 -74.92
C SER D 208 64.24 34.82 -75.96
N PHE D 209 62.96 35.10 -76.15
CA PHE D 209 62.14 34.39 -77.11
C PHE D 209 61.63 35.43 -78.10
N ASN D 210 62.12 35.36 -79.34
CA ASN D 210 61.70 36.31 -80.38
C ASN D 210 60.67 35.70 -81.33
N ARG D 211 59.91 36.56 -82.02
CA ARG D 211 58.87 36.08 -82.92
C ARG D 211 58.84 36.53 -84.38
N ASN D 212 58.55 37.81 -84.63
CA ASN D 212 58.46 38.30 -86.00
C ASN D 212 59.79 38.47 -86.73
N GLU D 213 60.79 37.73 -86.28
CA GLU D 213 62.13 37.76 -86.86
C GLU D 213 62.88 36.65 -86.14
N CYS D 214 63.77 35.97 -86.85
CA CYS D 214 64.54 34.89 -86.25
C CYS D 214 65.92 34.84 -86.89
N GLN E 1 43.59 1.34 -28.23
CA GLN E 1 43.39 1.79 -29.62
C GLN E 1 42.45 2.98 -29.54
N VAL E 2 42.73 4.01 -30.33
CA VAL E 2 41.90 5.21 -30.38
C VAL E 2 42.07 5.66 -31.80
N GLN E 3 40.96 5.69 -32.53
CA GLN E 3 40.99 6.09 -33.94
C GLN E 3 40.01 7.22 -34.29
N LEU E 4 40.55 8.30 -34.83
CA LEU E 4 39.74 9.44 -35.26
C LEU E 4 39.65 9.46 -36.77
N GLN E 5 38.73 8.68 -37.31
CA GLN E 5 38.54 8.63 -38.75
C GLN E 5 37.98 9.95 -39.18
N GLN E 6 38.46 10.45 -40.31
CA GLN E 6 37.99 11.72 -40.84
C GLN E 6 38.09 11.57 -42.36
N PRO E 7 37.23 12.30 -43.11
CA PRO E 7 37.27 12.20 -44.59
C PRO E 7 38.54 12.82 -45.18
N GLY E 8 38.38 13.63 -46.22
CA GLY E 8 39.53 14.26 -46.86
C GLY E 8 39.18 15.17 -48.01
N ALA E 9 38.38 14.67 -48.95
CA ALA E 9 38.00 15.47 -50.09
C ALA E 9 36.67 16.18 -49.78
N GLU E 10 36.57 17.45 -50.16
CA GLU E 10 35.35 18.23 -49.94
C GLU E 10 35.34 19.55 -50.75
N LEU E 11 34.35 19.68 -51.62
CA LEU E 11 34.22 20.86 -52.46
C LEU E 11 32.84 21.43 -52.20
N VAL E 12 32.71 22.76 -52.21
CA VAL E 12 31.42 23.43 -51.99
C VAL E 12 31.37 24.82 -52.62
N LYS E 13 30.24 25.12 -53.24
CA LYS E 13 30.04 26.40 -53.90
C LYS E 13 30.17 27.60 -52.96
N PRO E 14 30.86 28.65 -53.39
CA PRO E 14 30.98 29.83 -52.54
C PRO E 14 29.56 30.29 -52.24
N GLY E 15 29.24 30.33 -50.94
CA GLY E 15 27.92 30.71 -50.49
C GLY E 15 27.36 29.49 -49.78
N ALA E 16 27.43 28.35 -50.45
CA ALA E 16 26.94 27.13 -49.87
C ALA E 16 27.72 26.80 -48.59
N SER E 17 27.21 25.83 -47.85
CA SER E 17 27.83 25.44 -46.59
C SER E 17 28.28 23.99 -46.65
N VAL E 18 29.05 23.58 -45.65
CA VAL E 18 29.58 22.22 -45.58
C VAL E 18 29.38 21.69 -44.16
N LYS E 19 29.13 20.40 -44.04
CA LYS E 19 28.97 19.81 -42.72
C LYS E 19 30.00 18.70 -42.52
N LEU E 20 31.14 19.07 -41.96
CA LEU E 20 32.24 18.15 -41.68
C LEU E 20 31.86 17.19 -40.59
N SER E 21 32.46 16.00 -40.61
CA SER E 21 32.19 15.00 -39.59
C SER E 21 33.51 14.44 -39.10
N CYS E 22 33.48 13.80 -37.94
CA CYS E 22 34.68 13.22 -37.37
C CYS E 22 34.26 12.06 -36.47
N LYS E 23 34.53 10.84 -36.94
CA LYS E 23 34.18 9.63 -36.24
C LYS E 23 35.24 9.29 -35.20
N ALA E 24 34.79 8.98 -34.00
CA ALA E 24 35.68 8.63 -32.91
C ALA E 24 35.56 7.16 -32.58
N SER E 25 36.66 6.56 -32.14
CA SER E 25 36.65 5.17 -31.80
C SER E 25 37.78 4.88 -30.81
N GLY E 26 37.60 3.82 -30.04
CA GLY E 26 38.61 3.43 -29.07
C GLY E 26 38.61 4.24 -27.78
N TYR E 27 37.44 4.65 -27.32
CA TYR E 27 37.29 5.42 -26.07
C TYR E 27 35.84 5.81 -25.93
N THR E 28 35.48 6.26 -24.73
CA THR E 28 34.09 6.67 -24.46
C THR E 28 33.83 8.08 -24.98
N PHE E 29 33.11 8.15 -26.09
CA PHE E 29 32.78 9.42 -26.73
C PHE E 29 31.71 10.21 -25.98
N THR E 30 32.06 10.69 -24.79
CA THR E 30 31.15 11.47 -23.95
C THR E 30 31.86 11.94 -22.68
N SER E 31 32.91 11.23 -22.28
CA SER E 31 33.66 11.63 -21.11
C SER E 31 34.88 12.47 -21.51
N TYR E 32 34.90 12.94 -22.75
CA TYR E 32 36.00 13.76 -23.23
C TYR E 32 35.49 14.83 -24.19
N TRP E 33 36.30 15.86 -24.40
CA TRP E 33 35.95 16.97 -25.29
C TRP E 33 36.63 16.84 -26.66
N MET E 34 35.87 17.14 -27.71
CA MET E 34 36.39 17.09 -29.08
C MET E 34 36.93 18.48 -29.48
N HIS E 35 37.85 18.52 -30.45
CA HIS E 35 38.43 19.79 -30.89
C HIS E 35 38.61 19.91 -32.38
N TRP E 36 38.42 21.13 -32.89
CA TRP E 36 38.55 21.36 -34.31
C TRP E 36 39.54 22.47 -34.58
N VAL E 37 40.61 22.16 -35.31
CA VAL E 37 41.63 23.14 -35.65
C VAL E 37 41.65 23.34 -37.15
N LYS E 38 41.71 24.58 -37.60
CA LYS E 38 41.77 24.89 -39.03
C LYS E 38 43.24 24.96 -39.47
N GLN E 39 43.53 24.44 -40.67
CA GLN E 39 44.88 24.45 -41.19
C GLN E 39 45.04 25.10 -42.55
N GLY E 40 46.09 25.90 -42.67
CA GLY E 40 46.36 26.56 -43.93
C GLY E 40 45.41 27.67 -44.27
N PRO E 41 45.41 28.16 -45.52
CA PRO E 41 46.27 27.71 -46.63
C PRO E 41 47.78 27.63 -46.34
N GLY E 42 48.39 28.76 -46.00
CA GLY E 42 49.83 28.73 -45.74
C GLY E 42 50.22 29.37 -44.43
N GLN E 43 49.24 29.52 -43.54
CA GLN E 43 49.48 30.11 -42.23
C GLN E 43 49.46 29.05 -41.13
N GLY E 44 49.54 29.50 -39.87
CA GLY E 44 49.51 28.59 -38.75
C GLY E 44 48.15 27.96 -38.52
N LEU E 45 48.11 27.03 -37.57
CA LEU E 45 46.88 26.35 -37.22
C LEU E 45 46.13 27.32 -36.31
N GLU E 46 44.81 27.22 -36.29
CA GLU E 46 44.02 28.06 -35.39
C GLU E 46 42.82 27.34 -34.80
N TRP E 47 42.68 27.48 -33.49
CA TRP E 47 41.62 26.87 -32.71
C TRP E 47 40.27 27.41 -33.18
N ILE E 48 39.40 26.52 -33.65
CA ILE E 48 38.07 26.94 -34.10
C ILE E 48 37.06 26.83 -32.96
N GLY E 49 36.90 25.63 -32.42
CA GLY E 49 35.95 25.42 -31.34
C GLY E 49 36.31 24.29 -30.38
N GLU E 50 35.30 23.80 -29.65
CA GLU E 50 35.47 22.74 -28.67
C GLU E 50 34.04 22.31 -28.32
N ILE E 51 33.75 21.02 -28.46
CA ILE E 51 32.41 20.50 -28.18
C ILE E 51 32.44 19.42 -27.10
N ASP E 52 31.30 19.22 -26.48
CA ASP E 52 31.13 18.22 -25.43
C ASP E 52 29.96 17.28 -25.78
N PRO E 53 30.23 16.00 -26.00
CA PRO E 53 29.20 15.01 -26.35
C PRO E 53 28.14 14.85 -25.28
N SER E 54 28.59 14.56 -24.05
CA SER E 54 27.71 14.33 -22.91
C SER E 54 26.58 15.33 -22.70
N ASP E 55 26.75 16.54 -23.22
CA ASP E 55 25.75 17.60 -23.06
C ASP E 55 25.67 18.56 -24.26
N SER E 56 26.29 18.20 -25.38
CA SER E 56 26.31 19.02 -26.59
C SER E 56 26.64 20.49 -26.29
N TYR E 57 27.65 20.71 -25.45
CA TYR E 57 28.07 22.05 -25.07
C TYR E 57 29.21 22.56 -25.94
N PRO E 58 28.96 23.59 -26.74
CA PRO E 58 29.93 24.20 -27.64
C PRO E 58 30.73 25.32 -26.96
N ASN E 59 31.82 25.75 -27.58
CA ASN E 59 32.65 26.79 -26.98
C ASN E 59 33.50 27.40 -28.08
N TYR E 60 32.89 28.21 -28.92
CA TYR E 60 33.60 28.83 -30.04
C TYR E 60 34.59 29.97 -29.79
N ASN E 61 35.50 30.11 -30.74
CA ASN E 61 36.54 31.15 -30.76
C ASN E 61 35.75 32.35 -31.30
N GLU E 62 35.77 33.46 -30.57
CA GLU E 62 35.03 34.65 -30.97
C GLU E 62 35.18 35.07 -32.43
N LYS E 63 36.31 34.72 -33.04
CA LYS E 63 36.51 35.03 -34.44
C LYS E 63 35.56 34.15 -35.23
N PHE E 64 35.44 32.88 -34.83
CA PHE E 64 34.54 31.97 -35.53
C PHE E 64 33.09 32.11 -35.08
N LYS E 65 32.65 33.36 -35.00
CA LYS E 65 31.30 33.70 -34.61
C LYS E 65 30.28 32.90 -35.39
N GLY E 66 29.81 33.48 -36.50
CA GLY E 66 28.81 32.82 -37.33
C GLY E 66 29.32 31.81 -38.34
N LYS E 67 30.61 31.50 -38.30
CA LYS E 67 31.18 30.56 -39.25
C LYS E 67 31.25 29.13 -38.75
N ALA E 68 31.22 28.95 -37.43
CA ALA E 68 31.33 27.61 -36.86
C ALA E 68 30.21 27.15 -35.93
N THR E 69 29.56 26.07 -36.35
CA THR E 69 28.48 25.49 -35.58
C THR E 69 28.85 24.08 -35.13
N LEU E 70 29.39 23.99 -33.92
CA LEU E 70 29.79 22.72 -33.35
C LEU E 70 28.62 21.85 -32.86
N THR E 71 28.65 20.58 -33.26
CA THR E 71 27.64 19.58 -32.87
C THR E 71 28.28 18.19 -32.71
N VAL E 72 27.44 17.22 -32.35
CA VAL E 72 27.88 15.86 -32.08
C VAL E 72 26.70 14.91 -32.19
N ASP E 73 26.98 13.64 -32.48
CA ASP E 73 25.96 12.60 -32.59
C ASP E 73 26.31 11.46 -31.66
N LYS E 74 25.83 11.58 -30.42
CA LYS E 74 26.06 10.61 -29.35
C LYS E 74 25.77 9.18 -29.82
N SER E 75 24.77 9.06 -30.68
CA SER E 75 24.35 7.78 -31.22
C SER E 75 25.37 7.19 -32.20
N SER E 76 26.05 8.04 -32.95
CA SER E 76 27.03 7.55 -33.91
C SER E 76 28.48 7.75 -33.46
N SER E 77 28.67 8.30 -32.27
CA SER E 77 30.02 8.55 -31.75
C SER E 77 30.80 9.37 -32.76
N THR E 78 30.12 10.36 -33.34
CA THR E 78 30.71 11.20 -34.36
C THR E 78 30.50 12.67 -34.04
N ALA E 79 31.55 13.48 -34.20
CA ALA E 79 31.47 14.91 -33.96
C ALA E 79 31.33 15.58 -35.33
N TYR E 80 30.87 16.83 -35.35
CA TYR E 80 30.70 17.59 -36.58
C TYR E 80 31.14 19.05 -36.43
N MET E 81 31.02 19.78 -37.54
CA MET E 81 31.32 21.21 -37.63
C MET E 81 30.57 21.65 -38.88
N GLN E 82 30.04 22.87 -38.87
CA GLN E 82 29.32 23.35 -40.04
C GLN E 82 29.77 24.72 -40.45
N LEU E 83 30.60 24.79 -41.48
CA LEU E 83 31.04 26.07 -41.97
C LEU E 83 29.89 26.57 -42.82
N SER E 84 29.55 27.84 -42.70
CA SER E 84 28.42 28.39 -43.43
C SER E 84 28.80 29.57 -44.29
N SER E 85 28.14 29.67 -45.45
CA SER E 85 28.39 30.74 -46.41
C SER E 85 29.86 30.76 -46.83
N LEU E 86 30.32 29.64 -47.38
CA LEU E 86 31.72 29.50 -47.80
C LEU E 86 32.25 30.49 -48.81
N THR E 87 33.54 30.77 -48.71
CA THR E 87 34.19 31.70 -49.63
C THR E 87 35.59 31.18 -49.99
N SER E 88 36.24 31.85 -50.93
CA SER E 88 37.58 31.49 -51.37
C SER E 88 38.57 31.47 -50.22
N GLU E 89 38.26 32.24 -49.19
CA GLU E 89 39.10 32.32 -48.01
C GLU E 89 38.77 31.22 -46.97
N ASP E 90 37.62 30.57 -47.13
CA ASP E 90 37.21 29.52 -46.19
C ASP E 90 37.66 28.11 -46.59
N SER E 91 38.63 28.03 -47.49
CA SER E 91 39.16 26.75 -47.96
C SER E 91 40.46 26.42 -47.23
N ALA E 92 40.51 25.26 -46.61
CA ALA E 92 41.70 24.83 -45.87
C ALA E 92 41.56 23.40 -45.32
N VAL E 93 42.52 22.97 -44.50
CA VAL E 93 42.47 21.64 -43.93
C VAL E 93 41.95 21.73 -42.52
N TYR E 94 40.78 21.15 -42.28
CA TYR E 94 40.16 21.15 -40.96
C TYR E 94 40.44 19.85 -40.23
N TYR E 95 41.23 19.94 -39.17
CA TYR E 95 41.59 18.78 -38.37
C TYR E 95 40.64 18.59 -37.18
N CYS E 96 40.53 17.35 -36.74
CA CYS E 96 39.68 17.00 -35.60
C CYS E 96 40.42 16.08 -34.61
N ALA E 97 40.64 16.58 -33.38
CA ALA E 97 41.34 15.83 -32.33
C ALA E 97 40.66 16.04 -30.98
N SER E 98 41.20 15.43 -29.92
CA SER E 98 40.64 15.57 -28.58
C SER E 98 41.68 15.62 -27.45
N LEU E 99 41.24 16.05 -26.27
CA LEU E 99 42.11 16.11 -25.09
C LEU E 99 41.70 14.84 -24.35
N TYR E 100 42.67 13.96 -24.11
CA TYR E 100 42.38 12.68 -23.47
C TYR E 100 43.25 12.30 -22.25
N TYR E 101 44.38 11.64 -22.50
CA TYR E 101 45.29 11.16 -21.45
C TYR E 101 45.78 12.21 -20.44
N TYR E 102 45.89 13.45 -20.90
CA TYR E 102 46.37 14.54 -20.06
C TYR E 102 45.26 15.41 -19.52
N GLY E 103 45.50 15.99 -18.34
CA GLY E 103 44.52 16.85 -17.73
C GLY E 103 44.22 18.09 -18.55
N THR E 104 42.95 18.48 -18.59
CA THR E 104 42.54 19.65 -19.34
C THR E 104 43.35 20.90 -19.09
N SER E 105 43.77 21.14 -17.85
CA SER E 105 44.52 22.36 -17.59
C SER E 105 45.72 22.48 -18.51
N TYR E 106 46.27 21.34 -18.93
CA TYR E 106 47.43 21.35 -19.81
C TYR E 106 47.14 21.77 -21.26
N GLY E 107 45.88 21.71 -21.68
CA GLY E 107 45.50 22.08 -23.03
C GLY E 107 46.18 21.28 -24.13
N VAL E 108 46.58 20.06 -23.81
CA VAL E 108 47.26 19.20 -24.76
C VAL E 108 46.30 18.47 -25.71
N LEU E 109 46.50 18.65 -27.01
CA LEU E 109 45.65 17.99 -27.99
C LEU E 109 46.37 16.79 -28.57
N ASP E 110 46.09 15.63 -28.02
CA ASP E 110 46.69 14.38 -28.48
C ASP E 110 45.67 13.66 -29.38
N TYR E 111 46.13 12.63 -30.09
CA TYR E 111 45.25 11.88 -30.98
C TYR E 111 44.50 12.76 -31.97
N TRP E 112 45.17 13.09 -33.08
CA TRP E 112 44.57 13.90 -34.13
C TRP E 112 43.97 12.96 -35.19
N GLY E 113 43.35 13.52 -36.21
CA GLY E 113 42.76 12.68 -37.24
C GLY E 113 42.88 13.34 -38.59
N GLN E 114 43.33 12.56 -39.57
CA GLN E 114 43.50 13.00 -40.96
C GLN E 114 43.50 14.49 -41.24
N GLY E 115 42.30 15.07 -41.24
CA GLY E 115 42.15 16.47 -41.53
C GLY E 115 41.62 16.58 -42.94
N THR E 116 40.37 17.01 -43.07
CA THR E 116 39.76 17.12 -44.38
C THR E 116 40.10 18.43 -45.08
N SER E 117 40.27 18.35 -46.39
CA SER E 117 40.58 19.52 -47.21
C SER E 117 39.29 20.00 -47.86
N VAL E 118 39.07 21.31 -47.75
CA VAL E 118 37.88 21.95 -48.31
C VAL E 118 38.29 22.96 -49.37
N THR E 119 37.75 22.79 -50.57
CA THR E 119 38.02 23.69 -51.69
C THR E 119 36.70 24.31 -52.08
N VAL E 120 36.65 25.62 -52.08
CA VAL E 120 35.44 26.34 -52.43
C VAL E 120 35.56 26.96 -53.81
N SER E 121 34.65 26.61 -54.70
CA SER E 121 34.68 27.16 -56.07
C SER E 121 33.38 26.91 -56.83
N SER E 122 33.02 27.88 -57.67
CA SER E 122 31.80 27.81 -58.47
C SER E 122 32.03 27.06 -59.79
N ALA E 123 33.25 26.54 -59.95
CA ALA E 123 33.63 25.78 -61.14
C ALA E 123 33.08 24.36 -61.09
N LYS E 124 32.79 23.80 -62.27
CA LYS E 124 32.25 22.44 -62.37
C LYS E 124 33.27 21.50 -62.97
N THR E 125 32.91 20.22 -63.04
CA THR E 125 33.79 19.22 -63.62
C THR E 125 34.11 19.72 -65.01
N THR E 126 35.32 20.24 -65.15
CA THR E 126 35.80 20.79 -66.39
C THR E 126 37.07 20.06 -66.83
N PRO E 127 37.08 19.52 -68.07
CA PRO E 127 38.24 18.80 -68.61
C PRO E 127 39.43 19.71 -68.91
N PRO E 128 40.64 19.19 -68.73
CA PRO E 128 41.88 19.94 -68.97
C PRO E 128 42.21 20.12 -70.46
N SER E 129 43.14 21.04 -70.74
CA SER E 129 43.61 21.33 -72.09
C SER E 129 45.13 21.21 -72.06
N VAL E 130 45.67 20.19 -72.73
CA VAL E 130 47.11 19.95 -72.75
C VAL E 130 47.78 20.62 -73.94
N TYR E 131 48.96 21.20 -73.70
CA TYR E 131 49.73 21.84 -74.76
C TYR E 131 51.16 21.41 -74.52
N PRO E 132 51.91 21.13 -75.61
CA PRO E 132 53.32 20.70 -75.63
C PRO E 132 54.34 21.82 -75.75
N LEU E 133 55.26 21.86 -74.81
CA LEU E 133 56.31 22.87 -74.81
C LEU E 133 57.58 22.30 -75.43
N ALA E 134 57.69 22.48 -76.75
CA ALA E 134 58.86 22.01 -77.51
C ALA E 134 59.86 23.15 -77.51
N PRO E 135 61.16 22.81 -77.45
CA PRO E 135 62.19 23.85 -77.45
C PRO E 135 62.32 24.56 -78.78
N GLY E 136 63.50 24.47 -79.41
CA GLY E 136 63.73 25.12 -80.68
C GLY E 136 64.12 26.58 -80.54
N SER E 137 64.14 27.31 -81.65
CA SER E 137 64.50 28.74 -81.65
C SER E 137 65.67 29.07 -80.72
N ALA E 138 65.35 29.54 -79.51
CA ALA E 138 66.37 29.90 -78.52
C ALA E 138 66.95 28.65 -77.87
N ALA E 139 67.27 27.65 -78.70
CA ALA E 139 67.81 26.37 -78.25
C ALA E 139 69.28 26.40 -77.83
N GLN E 140 69.57 27.18 -76.77
CA GLN E 140 70.92 27.28 -76.26
C GLN E 140 71.17 26.20 -75.20
N THR E 141 71.07 24.95 -75.65
CA THR E 141 71.26 23.77 -74.81
C THR E 141 72.68 23.16 -74.93
N ASN E 142 72.83 21.93 -74.45
CA ASN E 142 74.11 21.24 -74.50
C ASN E 142 73.84 19.74 -74.64
N SER E 143 74.41 18.93 -73.74
CA SER E 143 74.23 17.48 -73.79
C SER E 143 72.81 17.05 -73.44
N MET E 144 72.08 17.93 -72.80
CA MET E 144 70.72 17.63 -72.40
C MET E 144 69.75 18.56 -73.10
N VAL E 145 68.47 18.18 -73.11
CA VAL E 145 67.42 18.98 -73.72
C VAL E 145 66.21 18.89 -72.81
N THR E 146 65.76 20.02 -72.32
CA THR E 146 64.59 20.06 -71.47
C THR E 146 63.42 20.42 -72.38
N LEU E 147 62.24 19.97 -72.01
CA LEU E 147 61.01 20.24 -72.76
C LEU E 147 59.89 19.73 -71.87
N GLY E 148 58.64 19.96 -72.23
CA GLY E 148 57.58 19.46 -71.38
C GLY E 148 56.21 19.80 -71.90
N CYS E 149 55.20 19.79 -71.04
CA CYS E 149 53.86 20.16 -71.45
C CYS E 149 53.09 20.84 -70.32
N LEU E 150 52.17 21.72 -70.71
CA LEU E 150 51.34 22.48 -69.77
C LEU E 150 49.87 22.07 -69.87
N VAL E 151 49.25 21.86 -68.72
CA VAL E 151 47.85 21.47 -68.65
C VAL E 151 47.13 22.70 -68.12
N LYS E 152 46.18 23.25 -68.89
CA LYS E 152 45.46 24.46 -68.46
C LYS E 152 43.95 24.36 -68.37
N GLY E 153 43.40 25.03 -67.36
CA GLY E 153 41.96 25.07 -67.14
C GLY E 153 41.26 23.77 -66.74
N TYR E 154 41.63 23.23 -65.59
CA TYR E 154 41.00 21.99 -65.16
C TYR E 154 40.42 22.08 -63.76
N PHE E 155 39.42 21.27 -63.50
CA PHE E 155 38.76 21.27 -62.21
C PHE E 155 37.82 20.08 -62.18
N PRO E 156 37.72 19.39 -61.03
CA PRO E 156 38.45 19.68 -59.79
C PRO E 156 39.91 19.25 -59.85
N GLU E 157 40.22 18.11 -59.25
CA GLU E 157 41.55 17.56 -59.19
C GLU E 157 41.35 16.22 -58.49
N PRO E 158 42.38 15.36 -58.45
CA PRO E 158 43.70 15.59 -59.01
C PRO E 158 43.73 15.34 -60.54
N VAL E 159 44.94 15.15 -61.06
CA VAL E 159 45.20 14.88 -62.46
C VAL E 159 46.62 14.32 -62.49
N THR E 160 46.80 13.21 -63.19
CA THR E 160 48.11 12.59 -63.26
C THR E 160 48.89 12.87 -64.56
N VAL E 161 50.22 13.02 -64.42
CA VAL E 161 51.10 13.32 -65.55
C VAL E 161 52.33 12.41 -65.60
N THR E 162 52.60 11.84 -66.78
CA THR E 162 53.74 10.95 -66.98
C THR E 162 54.32 10.99 -68.40
N TRP E 163 55.56 10.51 -68.54
CA TRP E 163 56.27 10.49 -69.82
C TRP E 163 56.53 9.09 -70.41
N ASN E 164 56.23 8.94 -71.70
CA ASN E 164 56.39 7.67 -72.42
C ASN E 164 55.64 6.58 -71.69
N SER E 165 54.46 6.94 -71.22
CA SER E 165 53.60 6.03 -70.47
C SER E 165 54.35 5.45 -69.28
N GLY E 166 54.93 6.34 -68.49
CA GLY E 166 55.66 5.92 -67.31
C GLY E 166 57.06 5.43 -67.60
N SER E 167 57.23 4.85 -68.78
CA SER E 167 58.50 4.32 -69.21
C SER E 167 59.64 5.33 -69.08
N LEU E 168 59.31 6.61 -69.15
CA LEU E 168 60.33 7.65 -69.04
C LEU E 168 60.23 8.37 -67.70
N SER E 169 61.13 8.06 -66.79
CA SER E 169 61.12 8.72 -65.48
C SER E 169 62.48 8.91 -64.85
N SER E 170 62.90 10.17 -64.83
CA SER E 170 64.17 10.62 -64.24
C SER E 170 64.25 12.09 -64.58
N GLY E 171 64.91 12.88 -63.71
CA GLY E 171 65.03 14.31 -63.94
C GLY E 171 63.75 14.95 -64.45
N VAL E 172 62.62 14.40 -63.97
CA VAL E 172 61.30 14.88 -64.35
C VAL E 172 60.79 15.74 -63.21
N HIS E 173 59.78 16.56 -63.49
CA HIS E 173 59.21 17.42 -62.48
C HIS E 173 57.77 17.75 -62.85
N THR E 174 56.84 17.37 -62.00
CA THR E 174 55.44 17.68 -62.26
C THR E 174 55.07 18.74 -61.23
N PHE E 175 55.12 20.00 -61.68
CA PHE E 175 54.85 21.15 -60.85
C PHE E 175 53.41 21.25 -60.35
N PRO E 176 53.25 21.65 -59.08
CA PRO E 176 51.98 21.82 -58.39
C PRO E 176 51.07 22.78 -59.11
N ALA E 177 49.77 22.52 -59.06
CA ALA E 177 48.77 23.36 -59.72
C ALA E 177 48.46 24.67 -59.00
N VAL E 178 48.03 25.67 -59.78
CA VAL E 178 47.64 26.98 -59.24
C VAL E 178 46.13 26.96 -59.33
N LEU E 179 45.46 27.80 -58.55
CA LEU E 179 44.00 27.84 -58.55
C LEU E 179 43.35 29.16 -58.92
N GLN E 180 43.94 29.88 -59.88
CA GLN E 180 43.39 31.16 -60.33
C GLN E 180 42.02 30.98 -61.00
N SER E 181 41.14 31.95 -60.80
CA SER E 181 39.81 31.93 -61.41
C SER E 181 38.96 30.66 -61.11
N ASP E 182 39.29 29.96 -60.04
CA ASP E 182 38.56 28.74 -59.64
C ASP E 182 38.86 27.52 -60.52
N LEU E 183 39.82 27.64 -61.43
CA LEU E 183 40.20 26.55 -62.32
C LEU E 183 41.70 26.36 -62.18
N TYR E 184 42.12 25.10 -62.04
CA TYR E 184 43.53 24.75 -61.84
C TYR E 184 44.32 24.68 -63.14
N THR E 185 45.64 24.76 -63.00
CA THR E 185 46.56 24.70 -64.12
C THR E 185 47.79 23.95 -63.62
N LEU E 186 48.20 22.90 -64.34
CA LEU E 186 49.38 22.11 -63.93
C LEU E 186 50.46 22.02 -65.03
N SER E 187 51.74 21.98 -64.62
CA SER E 187 52.87 21.93 -65.54
C SER E 187 53.88 20.82 -65.22
N SER E 188 54.54 20.30 -66.26
CA SER E 188 55.56 19.26 -66.11
C SER E 188 56.77 19.49 -67.03
N SER E 189 57.97 19.19 -66.52
CA SER E 189 59.22 19.38 -67.25
C SER E 189 60.12 18.13 -67.24
N VAL E 190 60.57 17.71 -68.42
CA VAL E 190 61.43 16.52 -68.61
C VAL E 190 62.80 16.85 -69.24
N THR E 191 63.83 16.13 -68.78
CA THR E 191 65.19 16.34 -69.27
C THR E 191 65.83 15.10 -69.88
N VAL E 192 65.61 14.89 -71.17
CA VAL E 192 66.19 13.77 -71.89
C VAL E 192 67.54 14.23 -72.45
N PRO E 193 68.46 13.28 -72.72
CA PRO E 193 69.74 13.74 -73.25
C PRO E 193 69.49 14.15 -74.68
N SER E 194 70.47 14.78 -75.31
CA SER E 194 70.32 15.22 -76.69
C SER E 194 70.20 14.05 -77.66
N SER E 195 70.70 12.88 -77.26
CA SER E 195 70.63 11.68 -78.10
C SER E 195 69.18 11.17 -78.26
N PRO E 196 68.45 11.00 -77.14
CA PRO E 196 67.06 10.54 -77.24
C PRO E 196 66.14 11.50 -77.97
N ARG E 197 66.47 12.79 -77.98
CA ARG E 197 65.65 13.80 -78.64
C ARG E 197 66.41 14.49 -79.77
N PRO E 198 65.72 14.78 -80.89
CA PRO E 198 64.30 14.51 -81.15
C PRO E 198 64.11 13.14 -81.81
N SER E 199 65.13 12.30 -81.70
CA SER E 199 65.08 10.97 -82.29
C SER E 199 63.92 10.20 -81.68
N GLU E 200 64.16 9.64 -80.50
CA GLU E 200 63.17 8.86 -79.78
C GLU E 200 61.93 9.67 -79.44
N THR E 201 60.80 8.99 -79.36
CA THR E 201 59.53 9.63 -79.06
C THR E 201 59.33 9.90 -77.57
N VAL E 202 59.08 11.15 -77.19
CA VAL E 202 58.79 11.46 -75.79
C VAL E 202 57.40 12.06 -75.79
N THR E 203 56.53 11.43 -75.01
CA THR E 203 55.14 11.87 -74.93
C THR E 203 54.75 12.08 -73.47
N CYS E 204 53.90 13.08 -73.23
CA CYS E 204 53.40 13.40 -71.89
C CYS E 204 51.92 13.05 -71.91
N ASN E 205 51.52 12.12 -71.07
CA ASN E 205 50.12 11.72 -70.99
C ASN E 205 49.58 12.25 -69.68
N VAL E 206 48.42 12.91 -69.73
CA VAL E 206 47.77 13.46 -68.54
C VAL E 206 46.32 13.00 -68.50
N ALA E 207 45.84 12.67 -67.31
CA ALA E 207 44.48 12.19 -67.15
C ALA E 207 43.91 12.59 -65.79
N HIS E 208 42.59 12.69 -65.72
CA HIS E 208 41.88 13.03 -64.49
C HIS E 208 40.66 12.12 -64.44
N PRO E 209 40.35 11.55 -63.26
CA PRO E 209 39.19 10.66 -63.12
C PRO E 209 37.88 11.25 -63.62
N ALA E 210 37.74 12.58 -63.54
CA ALA E 210 36.54 13.25 -64.01
C ALA E 210 36.54 13.39 -65.53
N SER E 211 35.35 13.28 -66.13
CA SER E 211 35.18 13.40 -67.57
C SER E 211 35.89 12.33 -68.39
N SER E 212 36.48 11.36 -67.69
CA SER E 212 37.19 10.24 -68.35
C SER E 212 38.37 10.71 -69.20
N THR E 213 38.82 11.93 -68.98
CA THR E 213 39.93 12.47 -69.76
C THR E 213 41.22 11.72 -69.52
N LYS E 214 41.65 10.98 -70.55
CA LYS E 214 42.89 10.22 -70.51
C LYS E 214 43.62 10.54 -71.81
N VAL E 215 44.20 11.73 -71.86
CA VAL E 215 44.91 12.21 -73.04
C VAL E 215 46.43 12.06 -72.99
N ASP E 216 47.02 11.84 -74.16
CA ASP E 216 48.47 11.70 -74.32
C ASP E 216 48.83 12.84 -75.26
N LYS E 217 50.04 13.37 -75.17
CA LYS E 217 50.44 14.44 -76.08
C LYS E 217 51.76 14.13 -76.76
N LYS E 218 51.82 14.43 -78.05
CA LYS E 218 53.01 14.19 -78.83
C LYS E 218 53.91 15.42 -78.84
N ILE E 219 54.94 15.41 -78.01
CA ILE E 219 55.88 16.52 -77.93
C ILE E 219 56.72 16.50 -79.20
N VAL E 220 56.08 16.86 -80.31
CA VAL E 220 56.71 16.91 -81.63
C VAL E 220 57.41 18.26 -81.80
N PRO E 221 58.73 18.31 -81.53
CA PRO E 221 59.51 19.55 -81.64
C PRO E 221 59.49 20.17 -83.04
N LYS F 1 20.08 30.24 -5.79
CA LYS F 1 18.87 29.72 -5.07
C LYS F 1 19.21 28.36 -4.50
N VAL F 2 18.66 28.04 -3.33
CA VAL F 2 18.91 26.75 -2.72
C VAL F 2 18.19 25.72 -3.58
N PHE F 3 18.94 24.75 -4.09
CA PHE F 3 18.35 23.72 -4.90
C PHE F 3 17.76 22.62 -4.03
N GLY F 4 16.49 22.33 -4.24
CA GLY F 4 15.87 21.28 -3.47
C GLY F 4 16.48 19.97 -3.89
N ARG F 5 16.75 19.09 -2.91
CA ARG F 5 17.32 17.78 -3.19
C ARG F 5 16.43 17.11 -4.23
N CYS F 6 17.00 16.20 -5.02
CA CYS F 6 16.26 15.49 -6.08
C CYS F 6 16.04 16.37 -7.32
N GLU F 7 15.63 17.62 -7.11
CA GLU F 7 15.42 18.54 -8.23
C GLU F 7 16.80 18.76 -8.85
N LEU F 8 17.75 19.16 -8.02
CA LEU F 8 19.11 19.38 -8.45
C LEU F 8 19.62 18.11 -9.12
N ALA F 9 19.23 16.96 -8.58
CA ALA F 9 19.66 15.67 -9.15
C ALA F 9 19.04 15.39 -10.52
N ALA F 10 17.78 15.76 -10.70
CA ALA F 10 17.09 15.54 -11.96
C ALA F 10 17.74 16.39 -13.03
N ALA F 11 18.20 17.58 -12.64
CA ALA F 11 18.85 18.52 -13.55
C ALA F 11 20.23 18.02 -14.00
N MET F 12 21.13 17.77 -13.05
CA MET F 12 22.45 17.28 -13.43
C MET F 12 22.31 15.99 -14.24
N LYS F 13 21.22 15.24 -14.01
CA LYS F 13 20.99 14.02 -14.78
C LYS F 13 20.68 14.48 -16.19
N ARG F 14 19.81 15.48 -16.29
CA ARG F 14 19.43 16.03 -17.58
C ARG F 14 20.57 16.81 -18.24
N HIS F 15 21.77 16.74 -17.69
CA HIS F 15 22.89 17.43 -18.27
C HIS F 15 24.11 16.58 -18.57
N GLY F 16 23.89 15.29 -18.72
CA GLY F 16 24.97 14.37 -19.04
C GLY F 16 26.05 14.22 -17.99
N LEU F 17 25.97 15.01 -16.92
CA LEU F 17 26.98 14.96 -15.86
C LEU F 17 27.01 13.54 -15.30
N ASP F 18 25.85 12.89 -15.33
CA ASP F 18 25.65 11.54 -14.86
C ASP F 18 26.91 10.80 -14.46
N ASN F 19 27.59 10.18 -15.41
CA ASN F 19 28.78 9.42 -15.07
C ASN F 19 30.01 9.94 -15.84
N TYR F 20 30.14 11.27 -15.92
CA TYR F 20 31.26 11.89 -16.64
C TYR F 20 32.59 11.40 -16.15
N ARG F 21 33.37 10.84 -17.07
CA ARG F 21 34.70 10.33 -16.74
C ARG F 21 34.65 9.22 -15.69
N GLY F 22 33.45 8.71 -15.41
CA GLY F 22 33.32 7.66 -14.41
C GLY F 22 33.05 8.12 -12.98
N TYR F 23 31.93 8.83 -12.79
CA TYR F 23 31.49 9.32 -11.48
C TYR F 23 30.00 9.46 -11.62
N SER F 24 29.24 8.63 -10.90
CA SER F 24 27.77 8.64 -10.96
C SER F 24 27.02 9.79 -10.30
N LEU F 25 25.81 10.05 -10.82
CA LEU F 25 24.90 11.11 -10.38
C LEU F 25 24.96 11.34 -8.87
N GLY F 26 25.11 10.27 -8.10
CA GLY F 26 25.17 10.38 -6.66
C GLY F 26 26.41 11.11 -6.17
N ASN F 27 27.55 10.89 -6.82
CA ASN F 27 28.79 11.56 -6.44
C ASN F 27 28.60 13.04 -6.69
N TRP F 28 27.91 13.35 -7.79
CA TRP F 28 27.65 14.73 -8.16
C TRP F 28 26.81 15.38 -7.08
N VAL F 29 25.71 14.72 -6.73
CA VAL F 29 24.79 15.23 -5.71
C VAL F 29 25.43 15.29 -4.30
N CYS F 30 26.20 14.27 -3.93
CA CYS F 30 26.83 14.27 -2.61
C CYS F 30 27.79 15.43 -2.47
N ALA F 31 28.74 15.52 -3.41
CA ALA F 31 29.77 16.57 -3.44
C ALA F 31 29.18 17.98 -3.46
N ALA F 32 28.10 18.17 -4.21
CA ALA F 32 27.44 19.46 -4.27
C ALA F 32 26.91 19.83 -2.87
N LYS F 33 26.09 18.93 -2.30
CA LYS F 33 25.47 19.08 -0.98
C LYS F 33 26.50 19.43 0.10
N PHE F 34 27.49 18.56 0.24
CA PHE F 34 28.57 18.76 1.20
C PHE F 34 29.46 19.94 0.80
N GLU F 35 29.08 20.67 -0.23
CA GLU F 35 29.84 21.83 -0.67
C GLU F 35 29.07 23.10 -0.40
N SER F 36 27.94 23.27 -1.09
CA SER F 36 27.12 24.47 -0.99
C SER F 36 25.84 24.32 -0.19
N ASN F 37 25.60 23.12 0.33
CA ASN F 37 24.39 22.85 1.11
C ASN F 37 23.23 23.08 0.12
N PHE F 38 23.53 22.82 -1.15
CA PHE F 38 22.56 22.99 -2.22
C PHE F 38 22.27 24.44 -2.58
N ASN F 39 22.81 25.37 -1.80
CA ASN F 39 22.60 26.78 -2.10
C ASN F 39 23.51 27.22 -3.24
N SER F 40 22.93 27.38 -4.42
CA SER F 40 23.68 27.83 -5.58
C SER F 40 23.78 29.34 -5.46
N GLN F 41 24.50 29.76 -4.42
CA GLN F 41 24.74 31.15 -4.11
C GLN F 41 25.87 31.20 -3.07
N ALA F 42 26.45 30.03 -2.78
CA ALA F 42 27.55 29.89 -1.82
C ALA F 42 28.78 30.61 -2.34
N THR F 43 29.43 31.39 -1.49
CA THR F 43 30.60 32.16 -1.89
C THR F 43 31.73 32.24 -0.87
N ASN F 44 32.68 31.29 -0.91
CA ASN F 44 33.81 31.33 0.03
C ASN F 44 34.89 32.23 -0.54
N ARG F 45 35.17 33.37 0.07
CA ARG F 45 36.24 34.20 -0.49
C ARG F 45 37.53 33.51 -0.12
N ASN F 46 38.16 32.90 -1.10
CA ASN F 46 39.42 32.21 -0.89
C ASN F 46 40.44 33.30 -0.54
N THR F 47 41.49 32.91 0.17
CA THR F 47 42.50 33.87 0.60
C THR F 47 43.22 34.61 -0.52
N ASP F 48 43.63 33.89 -1.56
CA ASP F 48 44.37 34.43 -2.70
C ASP F 48 43.71 35.51 -3.57
N GLY F 49 42.48 35.89 -3.23
CA GLY F 49 41.77 36.87 -4.04
C GLY F 49 40.76 36.23 -5.00
N SER F 50 40.75 34.89 -5.02
CA SER F 50 39.82 34.17 -5.87
C SER F 50 38.59 33.75 -5.10
N THR F 51 37.40 33.97 -5.67
CA THR F 51 36.16 33.59 -5.01
C THR F 51 35.59 32.29 -5.63
N ASP F 52 35.06 31.41 -4.79
CA ASP F 52 34.49 30.14 -5.28
C ASP F 52 32.99 30.34 -5.47
N TYR F 53 32.42 29.81 -6.55
CA TYR F 53 30.98 29.98 -6.83
C TYR F 53 30.14 28.74 -7.03
N GLY F 54 28.84 28.96 -6.85
CA GLY F 54 27.83 27.93 -7.05
C GLY F 54 27.75 26.68 -6.20
N VAL F 55 26.76 25.88 -6.55
CA VAL F 55 26.46 24.62 -5.91
C VAL F 55 27.63 23.64 -6.00
N LEU F 56 28.70 24.05 -6.68
CA LEU F 56 29.88 23.20 -6.80
C LEU F 56 31.17 23.90 -6.36
N GLN F 57 31.04 25.17 -6.00
CA GLN F 57 32.16 25.99 -5.54
C GLN F 57 33.35 25.97 -6.50
N ILE F 58 33.13 26.52 -7.68
CA ILE F 58 34.14 26.62 -8.73
C ILE F 58 34.98 27.89 -8.51
N ASN F 59 36.29 27.71 -8.45
CA ASN F 59 37.26 28.79 -8.22
C ASN F 59 37.42 29.78 -9.38
N SER F 60 37.64 31.05 -9.07
CA SER F 60 37.81 32.06 -10.10
C SER F 60 39.25 32.48 -10.24
N ARG F 61 40.03 31.68 -10.97
CA ARG F 61 41.45 31.94 -11.21
C ARG F 61 41.88 30.94 -12.27
N TRP F 62 41.15 29.85 -12.36
CA TRP F 62 41.45 28.78 -13.30
C TRP F 62 40.27 28.62 -14.26
N TRP F 63 39.08 28.35 -13.72
CA TRP F 63 37.88 28.09 -14.52
C TRP F 63 36.88 29.23 -14.67
N CYS F 64 36.72 29.95 -13.58
CA CYS F 64 35.74 31.02 -13.52
C CYS F 64 36.31 32.42 -13.81
N ASN F 65 35.50 33.29 -14.42
CA ASN F 65 35.95 34.67 -14.62
C ASN F 65 35.06 35.65 -13.87
N ASP F 66 35.58 36.22 -12.80
CA ASP F 66 34.82 37.17 -11.99
C ASP F 66 35.39 38.58 -12.11
N GLY F 67 36.26 38.79 -13.10
CA GLY F 67 36.82 40.11 -13.31
C GLY F 67 37.57 40.84 -12.22
N ARG F 68 37.64 40.27 -11.02
CA ARG F 68 38.38 40.96 -9.97
C ARG F 68 39.56 40.13 -9.51
N THR F 69 39.55 38.84 -9.84
CA THR F 69 40.65 37.97 -9.48
C THR F 69 41.72 37.99 -10.58
N PRO F 70 42.95 38.35 -10.21
CA PRO F 70 44.13 38.45 -11.09
C PRO F 70 44.72 37.09 -11.50
N GLY F 71 44.98 36.93 -12.80
CA GLY F 71 45.54 35.68 -13.28
C GLY F 71 44.47 34.65 -13.60
N SER F 72 43.35 35.09 -14.17
CA SER F 72 42.28 34.16 -14.49
C SER F 72 42.49 33.39 -15.78
N ARG F 73 42.81 32.10 -15.69
CA ARG F 73 42.97 31.30 -16.90
C ARG F 73 41.64 31.09 -17.60
N ASN F 74 40.54 31.25 -16.87
CA ASN F 74 39.17 31.10 -17.39
C ASN F 74 39.03 29.94 -18.38
N LEU F 75 39.43 28.74 -17.94
CA LEU F 75 39.40 27.55 -18.76
C LEU F 75 38.01 27.05 -19.03
N CYS F 76 37.04 27.57 -18.28
CA CYS F 76 35.67 27.13 -18.45
C CYS F 76 34.94 28.05 -19.39
N ASN F 77 35.57 29.16 -19.73
CA ASN F 77 34.95 30.13 -20.62
C ASN F 77 33.50 30.38 -20.18
N ILE F 78 33.38 31.17 -19.13
CA ILE F 78 32.10 31.54 -18.52
C ILE F 78 32.32 32.52 -17.38
N PRO F 79 31.41 33.51 -17.24
CA PRO F 79 31.56 34.49 -16.15
C PRO F 79 31.02 33.84 -14.87
N CYS F 80 31.67 34.09 -13.74
CA CYS F 80 31.26 33.49 -12.47
C CYS F 80 29.77 33.57 -12.16
N SER F 81 29.19 34.73 -12.40
CA SER F 81 27.79 34.93 -12.16
C SER F 81 26.99 33.80 -12.76
N ALA F 82 27.40 33.29 -13.90
CA ALA F 82 26.65 32.21 -14.54
C ALA F 82 26.63 30.99 -13.65
N LEU F 83 27.69 30.81 -12.87
CA LEU F 83 27.73 29.67 -11.98
C LEU F 83 26.83 29.85 -10.77
N GLN F 84 26.40 31.08 -10.50
CA GLN F 84 25.53 31.33 -9.35
C GLN F 84 24.12 31.75 -9.78
N SER F 85 23.37 30.77 -10.24
CA SER F 85 21.99 31.01 -10.65
C SER F 85 21.24 29.69 -10.67
N SER F 86 19.95 29.78 -10.98
CA SER F 86 19.10 28.61 -11.01
C SER F 86 19.62 27.49 -11.90
N ASP F 87 19.38 27.64 -13.21
CA ASP F 87 19.76 26.66 -14.24
C ASP F 87 21.16 26.06 -14.09
N ILE F 88 21.18 24.79 -13.69
CA ILE F 88 22.39 24.00 -13.47
C ILE F 88 23.39 23.92 -14.65
N THR F 89 22.99 24.37 -15.83
CA THR F 89 23.84 24.33 -17.05
C THR F 89 25.29 24.81 -16.94
N ALA F 90 25.47 26.08 -16.63
CA ALA F 90 26.80 26.65 -16.52
C ALA F 90 27.72 25.88 -15.57
N THR F 91 27.27 25.69 -14.32
CA THR F 91 28.07 24.98 -13.32
C THR F 91 28.32 23.53 -13.67
N ALA F 92 27.28 22.87 -14.19
CA ALA F 92 27.36 21.47 -14.56
C ALA F 92 28.49 21.15 -15.53
N ASN F 93 28.45 21.79 -16.70
CA ASN F 93 29.46 21.56 -17.74
C ASN F 93 30.84 21.96 -17.28
N CYS F 94 30.97 23.17 -16.75
CA CYS F 94 32.27 23.62 -16.30
C CYS F 94 32.87 22.69 -15.26
N ALA F 95 32.03 21.85 -14.65
CA ALA F 95 32.52 20.90 -13.66
C ALA F 95 33.34 19.83 -14.38
N LYS F 96 32.80 19.37 -15.51
CA LYS F 96 33.45 18.34 -16.31
C LYS F 96 34.92 18.64 -16.58
N LYS F 97 35.25 19.87 -16.96
CA LYS F 97 36.64 20.22 -17.25
C LYS F 97 37.54 20.07 -16.04
N ILE F 98 36.94 20.19 -14.86
CA ILE F 98 37.64 20.05 -13.60
C ILE F 98 37.87 18.55 -13.34
N VAL F 99 36.87 17.75 -13.67
CA VAL F 99 36.94 16.31 -13.46
C VAL F 99 37.71 15.65 -14.61
N SER F 100 38.20 16.48 -15.53
CA SER F 100 38.99 16.01 -16.65
C SER F 100 40.40 16.56 -16.50
N ASP F 101 40.71 17.07 -15.31
CA ASP F 101 42.02 17.60 -14.99
C ASP F 101 42.84 16.43 -14.43
N GLY F 102 43.92 16.72 -13.71
CA GLY F 102 44.77 15.64 -13.20
C GLY F 102 44.40 14.86 -11.96
N ASN F 103 44.34 15.57 -10.84
CA ASN F 103 44.03 15.03 -9.51
C ASN F 103 42.71 14.28 -9.33
N GLY F 104 41.98 14.04 -10.41
CA GLY F 104 40.70 13.35 -10.33
C GLY F 104 39.66 14.18 -9.60
N MET F 105 38.56 13.55 -9.18
CA MET F 105 37.47 14.24 -8.45
C MET F 105 37.90 14.72 -7.04
N ASN F 106 39.12 14.35 -6.67
CA ASN F 106 39.72 14.70 -5.39
C ASN F 106 39.82 16.21 -5.24
N ALA F 107 40.10 16.89 -6.36
CA ALA F 107 40.21 18.35 -6.38
C ALA F 107 38.95 19.06 -5.91
N TRP F 108 37.90 18.29 -5.65
CA TRP F 108 36.66 18.85 -5.16
C TRP F 108 36.61 19.01 -3.63
N VAL F 109 37.77 19.04 -2.99
CA VAL F 109 37.92 19.21 -1.52
C VAL F 109 36.98 18.38 -0.62
N ALA F 110 35.75 18.85 -0.45
CA ALA F 110 34.76 18.15 0.37
C ALA F 110 34.25 16.98 -0.44
N TRP F 111 35.10 15.96 -0.59
CA TRP F 111 34.79 14.76 -1.34
C TRP F 111 35.94 13.82 -1.07
N ARG F 112 37.16 14.31 -1.26
CA ARG F 112 38.38 13.54 -1.03
C ARG F 112 38.22 12.86 0.34
N LYS F 113 37.56 13.58 1.23
CA LYS F 113 37.25 13.14 2.58
C LYS F 113 35.81 13.58 2.76
N HIS F 114 35.06 12.85 3.58
CA HIS F 114 33.67 13.17 3.86
C HIS F 114 32.66 12.62 2.84
N CYS F 115 33.14 12.14 1.68
CA CYS F 115 32.23 11.57 0.67
C CYS F 115 32.83 10.44 -0.18
N LYS F 116 34.16 10.35 -0.17
CA LYS F 116 34.84 9.31 -0.91
C LYS F 116 34.48 7.97 -0.29
N GLY F 117 34.24 6.97 -1.13
CA GLY F 117 33.93 5.66 -0.63
C GLY F 117 32.50 5.36 -0.18
N THR F 118 31.82 6.31 0.44
CA THR F 118 30.44 6.06 0.90
C THR F 118 29.57 5.64 -0.26
N ASP F 119 28.60 4.78 0.00
CA ASP F 119 27.70 4.35 -1.05
C ASP F 119 26.80 5.53 -1.35
N VAL F 120 27.32 6.48 -2.13
CA VAL F 120 26.61 7.69 -2.52
C VAL F 120 25.27 7.44 -3.19
N ARG F 121 25.07 6.19 -3.61
CA ARG F 121 23.83 5.78 -4.26
C ARG F 121 22.63 6.26 -3.44
N VAL F 122 22.85 6.35 -2.12
CA VAL F 122 21.82 6.79 -1.20
C VAL F 122 21.17 8.10 -1.63
N TRP F 123 22.01 9.07 -1.97
CA TRP F 123 21.53 10.39 -2.38
C TRP F 123 20.57 10.36 -3.56
N ILE F 124 20.63 9.30 -4.36
CA ILE F 124 19.75 9.19 -5.52
C ILE F 124 18.37 8.66 -5.10
N LYS F 125 18.37 7.87 -4.04
CA LYS F 125 17.14 7.26 -3.51
C LYS F 125 16.08 8.28 -3.11
N GLY F 126 14.84 8.02 -3.52
CA GLY F 126 13.74 8.91 -3.20
C GLY F 126 13.42 9.93 -4.28
N CYS F 127 14.37 10.18 -5.16
CA CYS F 127 14.21 11.13 -6.26
C CYS F 127 13.51 10.52 -7.44
N ARG F 128 13.69 9.21 -7.60
CA ARG F 128 13.09 8.47 -8.70
C ARG F 128 13.74 8.88 -10.02
N LEU F 129 14.96 8.37 -10.25
CA LEU F 129 15.77 8.63 -11.45
C LEU F 129 16.47 7.35 -11.97
#